data_6W7K
#
_entry.id   6W7K
#
_cell.length_a   49.974
_cell.length_b   105.028
_cell.length_c   193.590
_cell.angle_alpha   90.000
_cell.angle_beta   90.000
_cell.angle_gamma   90.000
#
_symmetry.space_group_name_H-M   'P 21 21 21'
#
loop_
_entity.id
_entity.type
_entity.pdbx_description
1 polymer 'Tyrosyl-DNA phosphodiesterase 1'
2 non-polymer '4-[(2-phenylimidazo[1,2-a]pyridin-3-yl)amino]benzene-1,2-dicarboxylic acid'
3 non-polymer 1,2-ETHANEDIOL
4 water water
#
_entity_poly.entity_id   1
_entity_poly.type   'polypeptide(L)'
_entity_poly.pdbx_seq_one_letter_code
;SGEGQDIWDMLDKGNPFQFYLTRVSGVKPKYNSGALHIKDILSPLFGTLVSSAQFNYCFDVDWLVKQYPPEFRKKPILLV
HGDKREAKAHLHAQAKPYENISLCQAKLDIAFGTHHTKMMLLLYEEGLRVVIHTSNLIHADWHQKTQGIWLSPLYPRIAD
GTHKSGESPTHFKADLISYLMAYNAPSLKEWIDVIHKHDLSETNVYLIGSTPGRFQGSQKDNWGHFRLKKLLKDHASSMP
NAESWPVVGQFSSVGSLGADESKWLCSEFKESMLTLGKESKTPGKSSVPLYLIYPSVENVRTSLEGYPAGGSLPYSIQTA
EKQNWLHSYFHKWSAETSGRSNAMPHIKTYMRPSPDFSKIAWFLVTSANLSKAAWGALEKNGTQLMIRSYELGVLFLPSA
FGLDSFKVKQKFFAGSQEPMATFPVPYDLPPELYGSKDRPWIWNIPYVKAPDTHGNMWVPS
;
_entity_poly.pdbx_strand_id   A,B
#
# COMPACT_ATOMS: atom_id res chain seq x y z
N ASN A 15 -11.91 -14.82 14.95
CA ASN A 15 -11.72 -13.38 14.88
C ASN A 15 -10.58 -13.02 13.94
N PRO A 16 -10.71 -11.88 13.25
CA PRO A 16 -9.64 -11.44 12.35
C PRO A 16 -8.54 -10.63 13.02
N PHE A 17 -8.71 -10.23 14.29
CA PHE A 17 -7.78 -9.25 14.84
C PHE A 17 -6.56 -9.88 15.48
N GLN A 18 -6.70 -11.07 16.08
CA GLN A 18 -5.56 -11.77 16.67
C GLN A 18 -4.87 -10.88 17.71
N PHE A 19 -5.67 -10.18 18.49
CA PHE A 19 -5.20 -9.36 19.60
C PHE A 19 -5.58 -10.07 20.88
N TYR A 20 -4.58 -10.37 21.72
CA TYR A 20 -4.74 -11.16 22.93
C TYR A 20 -4.25 -10.39 24.14
N LEU A 21 -4.75 -10.76 25.32
CA LEU A 21 -4.14 -10.36 26.57
C LEU A 21 -3.34 -11.53 27.14
N THR A 22 -2.37 -11.21 28.00
CA THR A 22 -1.63 -12.25 28.70
C THR A 22 -2.50 -12.85 29.80
N ARG A 23 -2.19 -14.09 30.16
CA ARG A 23 -2.85 -14.74 31.29
C ARG A 23 -2.55 -13.98 32.60
N VAL A 24 -3.56 -13.87 33.46
CA VAL A 24 -3.42 -13.24 34.77
C VAL A 24 -3.70 -14.30 35.84
N SER A 25 -2.71 -14.56 36.69
CA SER A 25 -2.90 -15.52 37.77
C SER A 25 -3.80 -14.93 38.84
N GLY A 26 -4.90 -15.60 39.12
CA GLY A 26 -5.79 -15.23 40.22
C GLY A 26 -7.19 -14.84 39.80
N VAL A 27 -7.40 -14.51 38.53
CA VAL A 27 -8.76 -14.25 38.09
C VAL A 27 -9.46 -15.56 37.76
N LYS A 28 -10.78 -15.50 37.67
CA LYS A 28 -11.56 -16.69 37.35
C LYS A 28 -11.19 -17.20 35.96
N PRO A 29 -11.28 -18.51 35.74
CA PRO A 29 -10.89 -19.09 34.43
C PRO A 29 -11.56 -18.44 33.23
N LYS A 30 -12.81 -17.97 33.34
CA LYS A 30 -13.46 -17.34 32.19
C LYS A 30 -12.70 -16.12 31.68
N TYR A 31 -11.88 -15.50 32.51
CA TYR A 31 -11.09 -14.34 32.13
C TYR A 31 -9.71 -14.69 31.61
N ASN A 32 -9.34 -15.97 31.60
CA ASN A 32 -8.11 -16.40 30.95
C ASN A 32 -8.38 -17.28 29.74
N SER A 33 -9.66 -17.53 29.42
CA SER A 33 -10.01 -18.47 28.36
C SER A 33 -9.32 -18.11 27.04
N GLY A 34 -9.47 -16.87 26.61
CA GLY A 34 -8.82 -16.41 25.40
C GLY A 34 -7.47 -15.76 25.59
N ALA A 35 -6.84 -15.88 26.76
CA ALA A 35 -5.57 -15.22 27.01
C ALA A 35 -4.41 -16.15 26.66
N LEU A 36 -3.20 -15.58 26.58
CA LEU A 36 -2.02 -16.33 26.20
C LEU A 36 -0.91 -16.11 27.22
N HIS A 37 -0.30 -17.20 27.64
CA HIS A 37 0.95 -17.12 28.38
C HIS A 37 2.11 -17.30 27.40
N ILE A 38 3.29 -16.86 27.82
CA ILE A 38 4.46 -17.01 26.95
C ILE A 38 4.71 -18.48 26.60
N LYS A 39 4.42 -19.40 27.53
CA LYS A 39 4.56 -20.82 27.20
C LYS A 39 3.61 -21.25 26.09
N ASP A 40 2.41 -20.66 26.01
CA ASP A 40 1.52 -20.94 24.90
C ASP A 40 2.12 -20.44 23.58
N ILE A 41 2.68 -19.23 23.57
CA ILE A 41 3.20 -18.64 22.33
C ILE A 41 4.35 -19.48 21.78
N LEU A 42 5.19 -20.03 22.66
CA LEU A 42 6.38 -20.76 22.25
C LEU A 42 6.12 -22.26 22.11
N SER A 43 4.89 -22.71 22.33
N SER A 43 4.90 -22.72 22.35
CA SER A 43 4.59 -24.13 22.33
CA SER A 43 4.61 -24.14 22.36
C SER A 43 4.75 -24.72 20.93
C SER A 43 4.73 -24.72 20.95
N PRO A 44 4.99 -26.03 20.82
N PRO A 44 4.97 -26.02 20.85
CA PRO A 44 5.07 -26.65 19.50
CA PRO A 44 5.06 -26.65 19.52
C PRO A 44 3.77 -26.57 18.71
C PRO A 44 3.77 -26.58 18.73
N LEU A 45 2.63 -26.33 19.38
CA LEU A 45 1.38 -26.17 18.66
C LEU A 45 1.38 -24.95 17.74
N PHE A 46 2.24 -23.95 18.00
CA PHE A 46 2.33 -22.78 17.14
C PHE A 46 3.33 -22.96 16.00
N GLY A 47 4.14 -23.99 16.06
CA GLY A 47 5.12 -24.26 15.02
C GLY A 47 6.30 -25.00 15.60
N THR A 48 7.08 -25.61 14.71
CA THR A 48 8.29 -26.35 15.11
C THR A 48 9.47 -25.39 15.02
N LEU A 49 9.95 -24.94 16.19
CA LEU A 49 10.92 -23.84 16.24
C LEU A 49 12.28 -24.25 15.68
N VAL A 50 12.83 -23.38 14.83
CA VAL A 50 14.18 -23.50 14.31
C VAL A 50 15.12 -22.46 14.91
N SER A 51 14.62 -21.25 15.11
CA SER A 51 15.42 -20.12 15.55
C SER A 51 14.44 -19.05 16.02
N SER A 52 14.88 -18.23 16.97
CA SER A 52 14.02 -17.14 17.43
C SER A 52 14.85 -15.90 17.74
N ALA A 53 14.21 -14.74 17.60
CA ALA A 53 14.79 -13.47 18.03
C ALA A 53 13.83 -12.86 19.03
N GLN A 54 14.37 -12.39 20.16
CA GLN A 54 13.59 -11.80 21.24
C GLN A 54 14.06 -10.35 21.38
N PHE A 55 13.25 -9.41 20.89
CA PHE A 55 13.50 -7.99 21.06
C PHE A 55 12.85 -7.58 22.37
N ASN A 56 13.59 -6.92 23.26
CA ASN A 56 12.95 -6.48 24.50
C ASN A 56 13.79 -5.43 25.20
N TYR A 57 13.29 -5.01 26.36
CA TYR A 57 13.96 -4.08 27.24
C TYR A 57 14.69 -4.80 28.37
N CYS A 58 13.93 -5.55 29.17
CA CYS A 58 14.43 -6.29 30.34
C CYS A 58 14.34 -7.79 30.08
N PHE A 59 15.37 -8.53 30.50
CA PHE A 59 15.45 -9.98 30.30
C PHE A 59 15.84 -10.67 31.60
N ASP A 60 15.16 -11.79 31.90
CA ASP A 60 15.62 -12.79 32.88
C ASP A 60 15.91 -14.04 32.05
N VAL A 61 17.19 -14.26 31.72
CA VAL A 61 17.52 -15.26 30.71
C VAL A 61 17.22 -16.66 31.23
N ASP A 62 17.52 -16.94 32.50
N ASP A 62 17.51 -16.94 32.50
CA ASP A 62 17.18 -18.24 33.07
CA ASP A 62 17.19 -18.24 33.08
C ASP A 62 15.69 -18.52 32.95
C ASP A 62 15.69 -18.52 32.97
N TRP A 63 14.86 -17.53 33.33
CA TRP A 63 13.42 -17.68 33.19
C TRP A 63 13.02 -17.83 31.72
N LEU A 64 13.58 -16.98 30.86
CA LEU A 64 13.20 -16.99 29.45
C LEU A 64 13.42 -18.36 28.82
N VAL A 65 14.59 -18.97 29.08
CA VAL A 65 14.87 -20.26 28.44
C VAL A 65 13.89 -21.32 28.93
N LYS A 66 13.52 -21.27 30.22
CA LYS A 66 12.52 -22.20 30.74
C LYS A 66 11.15 -22.04 30.10
N GLN A 67 10.86 -20.91 29.43
CA GLN A 67 9.56 -20.75 28.78
C GLN A 67 9.48 -21.46 27.44
N TYR A 68 10.61 -21.75 26.81
CA TYR A 68 10.61 -22.53 25.59
C TYR A 68 10.34 -24.00 25.94
N PRO A 69 9.70 -24.75 25.04
CA PRO A 69 9.51 -26.18 25.31
C PRO A 69 10.85 -26.85 25.43
N PRO A 70 10.96 -27.88 26.28
CA PRO A 70 12.27 -28.53 26.49
C PRO A 70 12.95 -28.92 25.19
N GLU A 71 12.19 -29.46 24.23
CA GLU A 71 12.76 -29.88 22.96
C GLU A 71 13.32 -28.72 22.14
N PHE A 72 12.95 -27.48 22.46
CA PHE A 72 13.39 -26.31 21.69
C PHE A 72 14.42 -25.47 22.43
N ARG A 73 14.86 -25.87 23.62
CA ARG A 73 15.66 -24.96 24.44
C ARG A 73 17.08 -24.77 23.97
N LYS A 74 17.56 -25.54 22.99
CA LYS A 74 18.90 -25.34 22.47
C LYS A 74 18.89 -24.81 21.04
N LYS A 75 17.72 -24.47 20.50
CA LYS A 75 17.67 -23.77 19.24
C LYS A 75 18.23 -22.36 19.41
N PRO A 76 18.86 -21.81 18.37
CA PRO A 76 19.47 -20.47 18.51
C PRO A 76 18.44 -19.43 18.95
N ILE A 77 18.85 -18.56 19.88
CA ILE A 77 18.07 -17.41 20.34
C ILE A 77 18.94 -16.17 20.23
N LEU A 78 18.40 -15.12 19.62
CA LEU A 78 19.06 -13.82 19.58
C LEU A 78 18.32 -12.89 20.53
N LEU A 79 19.04 -12.23 21.44
CA LEU A 79 18.45 -11.24 22.33
C LEU A 79 18.82 -9.85 21.80
N VAL A 80 17.81 -9.05 21.44
CA VAL A 80 18.05 -7.69 20.96
C VAL A 80 17.71 -6.72 22.09
N HIS A 81 18.70 -5.94 22.51
CA HIS A 81 18.60 -5.13 23.73
C HIS A 81 19.31 -3.81 23.50
N GLY A 82 19.19 -2.92 24.50
CA GLY A 82 19.80 -1.60 24.41
C GLY A 82 20.82 -1.32 25.50
N ASP A 83 21.21 -2.35 26.25
CA ASP A 83 22.01 -2.17 27.46
C ASP A 83 23.46 -1.81 27.12
N LYS A 84 24.07 -1.01 28.00
CA LYS A 84 25.43 -0.52 27.82
C LYS A 84 26.23 -0.78 29.09
N ARG A 85 27.56 -0.72 28.97
CA ARG A 85 28.48 -0.68 30.14
C ARG A 85 28.15 -1.83 31.09
N GLU A 86 27.96 -1.57 32.40
CA GLU A 86 27.80 -2.65 33.37
C GLU A 86 26.50 -3.41 33.14
N ALA A 87 25.41 -2.71 32.76
CA ALA A 87 24.17 -3.38 32.41
C ALA A 87 24.36 -4.38 31.28
N LYS A 88 25.14 -3.99 30.27
CA LYS A 88 25.44 -4.90 29.16
C LYS A 88 26.25 -6.10 29.63
N ALA A 89 27.24 -5.85 30.50
CA ALA A 89 28.01 -6.96 31.06
C ALA A 89 27.11 -7.91 31.85
N HIS A 90 26.17 -7.36 32.63
CA HIS A 90 25.28 -8.22 33.40
C HIS A 90 24.46 -9.12 32.49
N LEU A 91 23.97 -8.57 31.36
CA LEU A 91 23.17 -9.37 30.44
C LEU A 91 24.00 -10.44 29.78
N HIS A 92 25.22 -10.10 29.37
CA HIS A 92 26.11 -11.12 28.79
C HIS A 92 26.39 -12.21 29.81
N ALA A 93 26.59 -11.82 31.09
CA ALA A 93 26.81 -12.82 32.12
C ALA A 93 25.60 -13.72 32.29
N GLN A 94 24.39 -13.16 32.16
CA GLN A 94 23.18 -13.97 32.24
C GLN A 94 23.15 -15.03 31.13
N ALA A 95 23.64 -14.68 29.95
CA ALA A 95 23.46 -15.53 28.79
C ALA A 95 24.61 -16.48 28.55
N LYS A 96 25.80 -16.22 29.10
CA LYS A 96 26.94 -17.08 28.83
C LYS A 96 26.75 -18.55 29.19
N PRO A 97 25.97 -18.93 30.20
CA PRO A 97 25.71 -20.38 30.39
C PRO A 97 25.03 -21.05 29.22
N TYR A 98 24.43 -20.29 28.29
CA TYR A 98 23.66 -20.85 27.18
C TYR A 98 24.40 -20.56 25.88
N GLU A 99 25.07 -21.58 25.33
CA GLU A 99 25.89 -21.38 24.14
C GLU A 99 25.06 -21.03 22.91
N ASN A 100 23.77 -21.35 22.90
CA ASN A 100 22.88 -21.07 21.78
C ASN A 100 22.35 -19.64 21.77
N ILE A 101 22.65 -18.81 22.77
CA ILE A 101 22.12 -17.45 22.86
C ILE A 101 23.17 -16.47 22.37
N SER A 102 22.81 -15.68 21.36
CA SER A 102 23.55 -14.54 20.86
C SER A 102 22.83 -13.25 21.25
N LEU A 103 23.59 -12.16 21.27
CA LEU A 103 23.06 -10.88 21.69
C LEU A 103 23.39 -9.82 20.66
N CYS A 104 22.46 -8.87 20.51
CA CYS A 104 22.61 -7.77 19.58
C CYS A 104 22.32 -6.50 20.36
N GLN A 105 23.31 -5.61 20.47
CA GLN A 105 23.15 -4.37 21.21
C GLN A 105 22.68 -3.28 20.26
N ALA A 106 21.43 -2.88 20.40
CA ALA A 106 20.88 -1.82 19.58
C ALA A 106 21.55 -0.49 19.88
N LYS A 107 22.03 0.19 18.83
CA LYS A 107 22.70 1.47 19.05
C LYS A 107 21.70 2.52 19.54
N LEU A 108 22.12 3.28 20.56
CA LEU A 108 21.31 4.33 21.17
C LEU A 108 22.20 5.57 21.23
N ASP A 109 22.37 6.22 20.07
CA ASP A 109 23.31 7.32 19.93
C ASP A 109 22.74 8.66 20.36
N ILE A 110 21.46 8.73 20.71
CA ILE A 110 20.85 9.94 21.25
C ILE A 110 20.64 9.72 22.74
N ALA A 111 21.02 10.71 23.56
CA ALA A 111 20.95 10.57 25.01
C ALA A 111 19.52 10.29 25.46
N PHE A 112 19.39 9.52 26.54
CA PHE A 112 18.13 9.22 27.21
C PHE A 112 17.17 8.38 26.36
N GLY A 113 17.69 7.63 25.39
CA GLY A 113 16.88 6.70 24.63
C GLY A 113 16.98 5.30 25.21
N THR A 114 15.97 4.48 24.93
CA THR A 114 16.00 3.09 25.35
C THR A 114 15.51 2.20 24.23
N HIS A 115 15.88 0.94 24.31
CA HIS A 115 15.34 -0.06 23.39
C HIS A 115 14.10 -0.68 24.04
N HIS A 116 12.94 -0.18 23.66
N HIS A 116 12.94 -0.14 23.73
CA HIS A 116 11.68 -0.48 24.31
CA HIS A 116 11.70 -0.57 24.37
C HIS A 116 10.76 -1.37 23.48
C HIS A 116 10.96 -1.65 23.60
N THR A 117 11.18 -1.74 22.29
CA THR A 117 10.42 -2.64 21.42
C THR A 117 10.36 -4.05 21.99
N LYS A 118 9.16 -4.63 21.93
CA LYS A 118 8.92 -5.98 22.43
C LYS A 118 8.34 -6.79 21.27
N MET A 119 9.16 -7.71 20.76
CA MET A 119 8.81 -8.43 19.54
C MET A 119 9.49 -9.78 19.57
N MET A 120 8.80 -10.80 19.10
CA MET A 120 9.40 -12.10 18.85
C MET A 120 9.38 -12.37 17.34
N LEU A 121 10.52 -12.80 16.80
CA LEU A 121 10.56 -13.38 15.48
C LEU A 121 10.78 -14.88 15.67
N LEU A 122 9.84 -15.68 15.18
CA LEU A 122 9.82 -17.12 15.42
C LEU A 122 9.92 -17.82 14.07
N LEU A 123 11.07 -18.41 13.77
CA LEU A 123 11.27 -19.12 12.52
C LEU A 123 10.99 -20.59 12.76
N TYR A 124 10.06 -21.16 12.00
CA TYR A 124 9.65 -22.55 12.16
C TYR A 124 10.08 -23.35 10.94
N GLU A 125 9.97 -24.67 11.09
CA GLU A 125 10.06 -25.54 9.91
C GLU A 125 8.92 -25.26 8.94
N GLU A 126 7.77 -24.80 9.43
CA GLU A 126 6.56 -24.60 8.65
C GLU A 126 6.38 -23.18 8.12
N GLY A 127 7.21 -22.24 8.56
CA GLY A 127 7.03 -20.85 8.14
C GLY A 127 7.63 -19.92 9.17
N LEU A 128 7.03 -18.74 9.29
CA LEU A 128 7.54 -17.69 10.14
C LEU A 128 6.39 -17.04 10.88
N ARG A 129 6.60 -16.65 12.13
CA ARG A 129 5.60 -15.89 12.86
C ARG A 129 6.24 -14.66 13.48
N VAL A 130 5.48 -13.59 13.54
CA VAL A 130 5.90 -12.34 14.18
C VAL A 130 4.94 -12.07 15.34
N VAL A 131 5.49 -11.75 16.51
CA VAL A 131 4.71 -11.45 17.70
C VAL A 131 5.14 -10.08 18.19
N ILE A 132 4.20 -9.15 18.25
CA ILE A 132 4.49 -7.82 18.75
C ILE A 132 3.66 -7.63 20.01
N HIS A 133 4.32 -7.30 21.11
CA HIS A 133 3.63 -7.40 22.39
C HIS A 133 4.16 -6.31 23.32
N THR A 134 3.77 -6.36 24.60
CA THR A 134 4.10 -5.28 25.52
C THR A 134 4.86 -5.72 26.78
N SER A 135 5.17 -7.01 26.91
CA SER A 135 5.73 -7.55 28.15
C SER A 135 7.25 -7.66 28.08
N ASN A 136 7.90 -7.28 29.19
CA ASN A 136 9.30 -7.64 29.41
C ASN A 136 9.42 -9.15 29.60
N LEU A 137 10.65 -9.66 29.41
CA LEU A 137 10.88 -11.11 29.49
C LEU A 137 11.33 -11.50 30.90
N ILE A 138 10.45 -11.22 31.84
CA ILE A 138 10.64 -11.50 33.25
C ILE A 138 9.33 -12.06 33.80
N HIS A 139 9.43 -12.85 34.88
CA HIS A 139 8.25 -13.55 35.39
C HIS A 139 7.12 -12.59 35.74
N ALA A 140 7.44 -11.46 36.40
CA ALA A 140 6.38 -10.58 36.90
C ALA A 140 5.57 -9.94 35.79
N ASP A 141 6.16 -9.72 34.61
CA ASP A 141 5.41 -9.09 33.54
C ASP A 141 4.34 -9.99 32.96
N TRP A 142 4.42 -11.30 33.19
CA TRP A 142 3.45 -12.25 32.65
C TRP A 142 2.58 -12.86 33.73
N HIS A 143 2.67 -12.36 34.96
CA HIS A 143 2.02 -12.99 36.08
C HIS A 143 0.67 -12.34 36.38
N GLN A 144 0.66 -11.08 36.79
CA GLN A 144 -0.59 -10.44 37.19
C GLN A 144 -0.75 -9.05 36.58
N LYS A 145 -0.24 -8.84 35.38
CA LYS A 145 -0.37 -7.55 34.70
C LYS A 145 -1.32 -7.65 33.51
N THR A 146 -1.88 -6.51 33.12
CA THR A 146 -2.60 -6.44 31.85
C THR A 146 -1.58 -6.12 30.76
N GLN A 147 -1.37 -7.06 29.83
CA GLN A 147 -0.42 -6.89 28.73
C GLN A 147 -1.12 -7.28 27.44
N GLY A 148 -0.64 -6.72 26.32
CA GLY A 148 -1.23 -6.98 25.01
C GLY A 148 -0.28 -7.77 24.11
N ILE A 149 -0.87 -8.58 23.23
CA ILE A 149 -0.13 -9.38 22.26
C ILE A 149 -0.84 -9.30 20.92
N TRP A 150 -0.11 -9.00 19.84
CA TRP A 150 -0.58 -9.25 18.48
C TRP A 150 0.16 -10.43 17.90
N LEU A 151 -0.58 -11.43 17.43
CA LEU A 151 -0.01 -12.64 16.83
C LEU A 151 -0.22 -12.59 15.33
N SER A 152 0.88 -12.64 14.58
CA SER A 152 0.78 -12.70 13.13
C SER A 152 0.27 -14.07 12.69
N PRO A 153 -0.27 -14.15 11.47
CA PRO A 153 -0.50 -15.46 10.85
C PRO A 153 0.80 -16.25 10.73
N LEU A 154 0.66 -17.55 10.53
CA LEU A 154 1.80 -18.36 10.08
C LEU A 154 2.12 -17.96 8.64
N TYR A 155 3.29 -17.37 8.45
CA TYR A 155 3.69 -16.91 7.12
C TYR A 155 4.41 -18.04 6.39
N PRO A 156 3.94 -18.51 5.25
CA PRO A 156 4.63 -19.59 4.56
C PRO A 156 5.88 -19.10 3.85
N ARG A 157 6.82 -20.03 3.63
CA ARG A 157 8.00 -19.72 2.84
C ARG A 157 7.64 -19.57 1.37
N ILE A 158 8.28 -18.63 0.69
CA ILE A 158 8.12 -18.50 -0.74
C ILE A 158 9.01 -19.55 -1.41
N ALA A 159 8.44 -20.30 -2.35
CA ALA A 159 9.19 -21.35 -3.03
C ALA A 159 10.46 -20.79 -3.67
N ASP A 160 11.56 -21.51 -3.50
CA ASP A 160 12.79 -21.13 -4.19
C ASP A 160 12.59 -21.18 -5.69
N GLY A 161 13.04 -20.11 -6.37
CA GLY A 161 12.78 -19.94 -7.79
C GLY A 161 11.56 -19.12 -8.11
N THR A 162 10.62 -18.98 -7.18
CA THR A 162 9.44 -18.15 -7.37
C THR A 162 9.77 -16.70 -7.03
N HIS A 163 9.37 -15.78 -7.89
CA HIS A 163 9.52 -14.34 -7.64
C HIS A 163 8.15 -13.75 -7.37
N LYS A 164 7.87 -13.47 -6.10
CA LYS A 164 6.71 -12.68 -5.73
C LYS A 164 7.12 -11.76 -4.58
N SER A 165 6.29 -10.75 -4.34
CA SER A 165 6.65 -9.78 -3.30
C SER A 165 6.45 -10.37 -1.91
N GLY A 166 5.41 -11.18 -1.73
CA GLY A 166 5.01 -11.56 -0.39
C GLY A 166 4.48 -10.41 0.43
N GLU A 167 4.07 -9.32 -0.21
CA GLU A 167 3.70 -8.10 0.49
C GLU A 167 2.20 -8.03 0.75
N SER A 168 1.83 -7.36 1.87
CA SER A 168 0.44 -7.19 2.26
C SER A 168 -0.10 -5.86 1.74
N PRO A 169 -1.43 -5.68 1.70
CA PRO A 169 -1.97 -4.36 1.34
C PRO A 169 -1.60 -3.28 2.35
N THR A 170 -1.18 -3.66 3.56
CA THR A 170 -0.72 -2.68 4.55
C THR A 170 0.78 -2.43 4.51
N HIS A 171 1.50 -3.05 3.57
CA HIS A 171 2.94 -2.83 3.38
C HIS A 171 3.75 -3.34 4.57
N PHE A 172 3.18 -4.30 5.30
CA PHE A 172 3.81 -4.75 6.54
C PHE A 172 5.20 -5.34 6.32
N LYS A 173 5.38 -6.11 5.25
CA LYS A 173 6.68 -6.78 5.05
C LYS A 173 7.79 -5.76 4.84
N ALA A 174 7.58 -4.83 3.90
CA ALA A 174 8.56 -3.77 3.67
C ALA A 174 8.77 -2.93 4.92
N ASP A 175 7.69 -2.64 5.67
CA ASP A 175 7.83 -1.78 6.85
C ASP A 175 8.60 -2.49 7.96
N LEU A 176 8.37 -3.80 8.13
CA LEU A 176 9.14 -4.55 9.12
C LEU A 176 10.60 -4.65 8.73
N ILE A 177 10.86 -4.84 7.44
CA ILE A 177 12.26 -4.86 7.01
C ILE A 177 12.90 -3.50 7.24
N SER A 178 12.15 -2.42 6.94
N SER A 178 12.15 -2.42 6.94
CA SER A 178 12.67 -1.07 7.14
CA SER A 178 12.70 -1.08 7.15
C SER A 178 13.01 -0.84 8.61
C SER A 178 13.01 -0.84 8.62
N TYR A 179 12.12 -1.29 9.51
CA TYR A 179 12.37 -1.16 10.94
C TYR A 179 13.66 -1.89 11.34
N LEU A 180 13.83 -3.13 10.89
CA LEU A 180 15.04 -3.88 11.24
C LEU A 180 16.29 -3.29 10.59
N MET A 181 16.18 -2.74 9.39
N MET A 181 16.17 -2.75 9.38
CA MET A 181 17.33 -2.14 8.72
CA MET A 181 17.34 -2.15 8.73
C MET A 181 17.90 -0.98 9.53
C MET A 181 17.90 -0.99 9.54
N ALA A 182 17.05 -0.26 10.26
CA ALA A 182 17.48 0.90 11.02
C ALA A 182 18.51 0.55 12.09
N TYR A 183 18.54 -0.70 12.57
CA TYR A 183 19.52 -1.13 13.55
C TYR A 183 20.93 -1.22 12.98
N ASN A 184 21.06 -1.43 11.68
N ASN A 184 21.06 -1.40 11.67
CA ASN A 184 22.37 -1.56 11.03
CA ASN A 184 22.35 -1.59 11.00
C ASN A 184 23.19 -2.67 11.68
C ASN A 184 23.18 -2.65 11.71
N ALA A 185 22.56 -3.82 11.94
CA ALA A 185 23.16 -4.87 12.74
C ALA A 185 23.27 -6.17 11.97
N PRO A 186 24.43 -6.85 12.00
CA PRO A 186 24.56 -8.08 11.19
C PRO A 186 23.64 -9.20 11.62
N SER A 187 23.38 -9.36 12.92
CA SER A 187 22.46 -10.40 13.33
C SER A 187 21.05 -10.13 12.80
N LEU A 188 20.69 -8.86 12.61
CA LEU A 188 19.35 -8.57 12.13
C LEU A 188 19.28 -8.59 10.61
N LYS A 189 20.41 -8.41 9.91
CA LYS A 189 20.40 -8.63 8.48
C LYS A 189 20.05 -10.09 8.15
N GLU A 190 20.49 -11.03 8.99
CA GLU A 190 20.08 -12.42 8.83
C GLU A 190 18.56 -12.57 8.90
N TRP A 191 17.93 -11.92 9.88
CA TRP A 191 16.48 -11.98 10.01
C TRP A 191 15.78 -11.24 8.87
N ILE A 192 16.38 -10.17 8.34
CA ILE A 192 15.82 -9.51 7.17
C ILE A 192 15.79 -10.48 5.99
N ASP A 193 16.86 -11.24 5.79
CA ASP A 193 16.88 -12.22 4.71
C ASP A 193 15.83 -13.31 4.92
N VAL A 194 15.60 -13.72 6.17
CA VAL A 194 14.53 -14.67 6.47
C VAL A 194 13.17 -14.09 6.09
N ILE A 195 12.90 -12.85 6.51
CA ILE A 195 11.61 -12.25 6.18
C ILE A 195 11.43 -12.14 4.67
N HIS A 196 12.50 -11.77 3.95
CA HIS A 196 12.41 -11.68 2.48
C HIS A 196 11.91 -12.98 1.87
N LYS A 197 12.30 -14.12 2.46
CA LYS A 197 11.94 -15.43 1.91
C LYS A 197 10.54 -15.89 2.31
N HIS A 198 9.76 -15.10 3.06
CA HIS A 198 8.43 -15.54 3.45
C HIS A 198 7.34 -14.64 2.88
N ASP A 199 6.14 -15.20 2.80
CA ASP A 199 4.97 -14.54 2.24
C ASP A 199 4.16 -13.93 3.39
N LEU A 200 4.19 -12.60 3.51
CA LEU A 200 3.48 -11.92 4.58
C LEU A 200 2.18 -11.28 4.08
N SER A 201 1.65 -11.74 2.94
CA SER A 201 0.57 -11.00 2.28
C SER A 201 -0.73 -10.99 3.09
N GLU A 202 -0.92 -11.93 4.01
CA GLU A 202 -2.17 -11.98 4.76
C GLU A 202 -2.23 -10.95 5.89
N THR A 203 -1.16 -10.17 6.12
CA THR A 203 -1.15 -9.27 7.25
C THR A 203 -2.13 -8.11 7.05
N ASN A 204 -3.00 -7.89 8.05
N ASN A 204 -3.01 -7.89 8.03
CA ASN A 204 -4.03 -6.86 7.97
CA ASN A 204 -3.98 -6.81 7.94
C ASN A 204 -3.78 -5.67 8.90
C ASN A 204 -3.85 -5.83 9.09
N VAL A 205 -2.63 -5.62 9.58
CA VAL A 205 -2.29 -4.51 10.47
C VAL A 205 -1.16 -3.70 9.85
N TYR A 206 -1.10 -2.42 10.23
CA TYR A 206 -0.01 -1.52 9.87
C TYR A 206 1.01 -1.46 10.98
N LEU A 207 2.30 -1.51 10.62
CA LEU A 207 3.39 -1.37 11.57
C LEU A 207 3.64 0.10 11.88
N ILE A 208 3.75 0.44 13.16
CA ILE A 208 4.12 1.79 13.56
C ILE A 208 5.35 1.66 14.46
N GLY A 209 6.49 2.08 13.96
CA GLY A 209 7.70 1.97 14.74
C GLY A 209 8.32 3.31 15.08
N SER A 210 9.17 3.30 16.09
CA SER A 210 10.02 4.43 16.42
C SER A 210 11.45 3.90 16.36
N THR A 211 12.36 4.69 15.81
N THR A 211 12.36 4.66 15.76
CA THR A 211 13.78 4.35 15.86
CA THR A 211 13.78 4.35 15.88
C THR A 211 14.53 5.65 16.16
C THR A 211 14.51 5.65 16.18
N PRO A 212 15.68 5.57 16.83
CA PRO A 212 16.37 6.81 17.21
C PRO A 212 16.90 7.55 16.00
N GLY A 213 16.76 8.86 16.01
CA GLY A 213 17.30 9.64 14.92
C GLY A 213 16.65 10.99 14.80
N ARG A 214 17.12 11.73 13.80
N ARG A 214 17.10 11.72 13.79
CA ARG A 214 16.57 13.02 13.44
CA ARG A 214 16.56 13.04 13.45
C ARG A 214 16.13 12.92 11.99
C ARG A 214 16.13 12.98 11.99
N PHE A 215 14.83 12.97 11.76
CA PHE A 215 14.25 12.64 10.45
C PHE A 215 13.62 13.87 9.81
N GLN A 216 14.02 14.16 8.57
CA GLN A 216 13.46 15.27 7.82
C GLN A 216 13.09 14.80 6.42
N GLY A 217 12.36 15.66 5.71
CA GLY A 217 12.11 15.41 4.29
C GLY A 217 11.35 14.11 4.07
N SER A 218 11.89 13.26 3.19
CA SER A 218 11.20 12.01 2.86
C SER A 218 11.14 11.04 4.03
N GLN A 219 11.99 11.22 5.05
CA GLN A 219 12.02 10.32 6.19
C GLN A 219 11.13 10.76 7.34
N LYS A 220 10.59 11.98 7.28
CA LYS A 220 9.84 12.52 8.41
C LYS A 220 8.61 11.66 8.74
N ASP A 221 7.99 11.04 7.74
CA ASP A 221 6.76 10.28 7.98
C ASP A 221 7.02 8.82 8.31
N ASN A 222 8.28 8.41 8.43
CA ASN A 222 8.60 7.00 8.60
C ASN A 222 8.30 6.50 10.00
N TRP A 223 8.35 7.36 11.02
CA TRP A 223 8.44 6.88 12.39
C TRP A 223 7.59 7.75 13.33
N GLY A 224 7.30 7.18 14.51
CA GLY A 224 6.68 7.93 15.59
C GLY A 224 5.32 8.50 15.25
N HIS A 225 5.04 9.68 15.80
CA HIS A 225 3.67 10.14 15.65
C HIS A 225 3.40 10.68 14.25
N PHE A 226 4.44 11.04 13.50
CA PHE A 226 4.26 11.40 12.10
C PHE A 226 3.91 10.18 11.25
N ARG A 227 4.46 9.01 11.60
CA ARG A 227 4.05 7.77 10.94
C ARG A 227 2.58 7.50 11.16
N LEU A 228 2.13 7.64 12.40
CA LEU A 228 0.71 7.46 12.70
C LEU A 228 -0.14 8.46 11.91
N LYS A 229 0.27 9.73 11.91
CA LYS A 229 -0.49 10.75 11.19
C LYS A 229 -0.59 10.41 9.70
N LYS A 230 0.52 9.95 9.11
CA LYS A 230 0.54 9.62 7.69
C LYS A 230 -0.43 8.50 7.37
N LEU A 231 -0.49 7.48 8.24
CA LEU A 231 -1.38 6.33 8.03
C LEU A 231 -2.84 6.74 8.18
N LEU A 232 -3.13 7.63 9.14
CA LEU A 232 -4.50 8.07 9.34
C LEU A 232 -4.97 8.98 8.21
N LYS A 233 -4.06 9.81 7.68
CA LYS A 233 -4.38 10.62 6.51
C LYS A 233 -4.68 9.74 5.30
N ASP A 234 -3.88 8.70 5.08
CA ASP A 234 -3.97 7.91 3.85
C ASP A 234 -5.01 6.80 3.92
N HIS A 235 -5.36 6.29 5.11
CA HIS A 235 -6.12 5.05 5.20
C HIS A 235 -7.31 5.11 6.16
N ALA A 236 -7.61 6.28 6.72
CA ALA A 236 -8.86 6.49 7.43
C ALA A 236 -9.61 7.63 6.76
N SER A 237 -10.91 7.70 7.02
CA SER A 237 -11.75 8.74 6.47
C SER A 237 -12.32 9.58 7.61
N SER A 238 -12.44 10.88 7.38
CA SER A 238 -13.02 11.79 8.37
C SER A 238 -14.53 11.79 8.21
N MET A 239 -15.23 11.63 9.31
CA MET A 239 -16.67 11.57 9.35
C MET A 239 -17.24 12.91 9.79
N PRO A 240 -18.52 13.17 9.56
CA PRO A 240 -19.12 14.36 10.15
C PRO A 240 -19.02 14.27 11.67
N ASN A 241 -18.95 15.43 12.30
CA ASN A 241 -18.86 15.50 13.75
C ASN A 241 -17.56 14.89 14.27
N ALA A 242 -16.52 14.85 13.43
CA ALA A 242 -15.25 14.24 13.83
C ALA A 242 -14.67 14.92 15.06
N GLU A 243 -14.93 16.21 15.22
CA GLU A 243 -14.42 16.97 16.35
C GLU A 243 -14.94 16.46 17.69
N SER A 244 -16.02 15.67 17.68
CA SER A 244 -16.58 15.11 18.90
C SER A 244 -16.11 13.70 19.19
N TRP A 245 -15.33 13.08 18.29
CA TRP A 245 -14.76 11.75 18.54
C TRP A 245 -13.52 11.91 19.41
N PRO A 246 -13.54 11.45 20.66
CA PRO A 246 -12.39 11.67 21.54
C PRO A 246 -11.17 10.91 21.08
N VAL A 247 -10.04 11.25 21.69
CA VAL A 247 -8.79 10.51 21.60
C VAL A 247 -8.55 9.90 22.97
N VAL A 248 -8.19 8.60 23.00
CA VAL A 248 -7.87 7.94 24.27
C VAL A 248 -6.45 7.42 24.18
N GLY A 249 -5.66 7.72 25.21
CA GLY A 249 -4.30 7.19 25.33
C GLY A 249 -4.17 6.51 26.68
N GLN A 250 -3.45 5.40 26.71
CA GLN A 250 -3.43 4.52 27.87
C GLN A 250 -2.03 3.93 27.96
N PHE A 251 -1.35 4.13 29.10
CA PHE A 251 0.10 3.92 29.11
C PHE A 251 0.54 3.60 30.52
N SER A 252 1.80 3.21 30.66
CA SER A 252 2.32 2.82 31.96
C SER A 252 3.45 3.72 32.44
N SER A 253 3.83 4.72 31.66
CA SER A 253 4.92 5.62 32.00
C SER A 253 4.64 6.95 31.32
N VAL A 254 5.10 8.03 31.95
CA VAL A 254 4.89 9.39 31.46
C VAL A 254 6.23 10.11 31.47
N GLY A 255 6.58 10.74 30.35
CA GLY A 255 7.79 11.52 30.28
C GLY A 255 7.53 12.98 30.63
N SER A 256 8.60 13.77 30.56
N SER A 256 8.60 13.76 30.56
CA SER A 256 8.47 15.22 30.75
CA SER A 256 8.48 15.21 30.72
C SER A 256 7.89 15.82 29.47
C SER A 256 7.88 15.79 29.45
N LEU A 257 6.69 16.36 29.56
CA LEU A 257 5.96 16.88 28.40
C LEU A 257 6.03 18.39 28.26
N GLY A 258 6.59 19.09 29.23
CA GLY A 258 6.70 20.54 29.17
C GLY A 258 5.81 21.23 30.18
N ALA A 259 5.93 22.56 30.19
CA ALA A 259 5.32 23.37 31.24
C ALA A 259 3.81 23.56 31.05
N ASP A 260 3.27 23.28 29.87
CA ASP A 260 1.84 23.34 29.65
C ASP A 260 1.49 22.48 28.44
N GLU A 261 0.19 22.24 28.27
CA GLU A 261 -0.27 21.33 27.21
C GLU A 261 0.10 21.82 25.81
N SER A 262 0.30 23.12 25.63
CA SER A 262 0.65 23.65 24.31
C SER A 262 2.05 23.23 23.84
N LYS A 263 2.93 22.81 24.74
CA LYS A 263 4.32 22.57 24.36
C LYS A 263 4.46 21.34 23.46
N TRP A 264 3.69 20.28 23.72
CA TRP A 264 3.81 19.05 22.94
C TRP A 264 2.51 18.23 22.91
N LEU A 265 1.91 18.02 24.08
CA LEU A 265 0.78 17.11 24.20
C LEU A 265 -0.36 17.52 23.28
N CYS A 266 -0.78 18.78 23.36
CA CYS A 266 -1.93 19.24 22.61
C CYS A 266 -1.56 20.00 21.35
N SER A 267 -0.28 20.08 21.01
CA SER A 267 0.15 20.79 19.81
C SER A 267 0.53 19.83 18.70
N GLU A 268 1.54 18.98 18.91
CA GLU A 268 1.89 18.05 17.84
C GLU A 268 1.39 16.63 18.09
N PHE A 269 1.41 16.14 19.34
CA PHE A 269 0.96 14.79 19.60
C PHE A 269 -0.54 14.64 19.34
N LYS A 270 -1.35 15.46 20.00
CA LYS A 270 -2.79 15.39 19.80
C LYS A 270 -3.16 15.63 18.34
N GLU A 271 -2.46 16.55 17.67
CA GLU A 271 -2.80 16.86 16.28
C GLU A 271 -2.55 15.67 15.36
N SER A 272 -1.51 14.89 15.63
CA SER A 272 -1.30 13.65 14.89
C SER A 272 -2.41 12.65 15.18
N MET A 273 -2.77 12.50 16.46
CA MET A 273 -3.78 11.53 16.87
C MET A 273 -5.16 11.85 16.33
N LEU A 274 -5.47 13.12 16.10
CA LEU A 274 -6.83 13.41 15.64
C LEU A 274 -6.93 13.46 14.13
N THR A 275 -5.85 13.18 13.41
CA THR A 275 -5.91 13.14 11.95
C THR A 275 -6.86 12.07 11.45
N LEU A 276 -7.67 12.44 10.46
CA LEU A 276 -8.49 11.45 9.74
C LEU A 276 -8.65 11.95 8.32
N GLY A 277 -8.21 11.15 7.35
CA GLY A 277 -8.43 11.52 5.97
C GLY A 277 -7.49 12.60 5.49
N LYS A 278 -7.77 13.06 4.25
CA LYS A 278 -6.77 13.79 3.48
C LYS A 278 -6.93 15.31 3.49
N GLU A 279 -8.05 15.85 3.97
CA GLU A 279 -8.23 17.30 3.92
C GLU A 279 -7.67 17.96 5.18
N SER A 280 -7.78 19.28 5.25
CA SER A 280 -7.13 20.06 6.31
C SER A 280 -8.04 20.40 7.48
N SER A 286 -8.69 23.10 18.55
CA SER A 286 -9.30 21.77 18.60
C SER A 286 -9.99 21.49 19.93
N SER A 287 -11.28 21.15 19.86
CA SER A 287 -12.07 20.78 21.04
C SER A 287 -12.28 19.28 21.14
N VAL A 288 -11.43 18.48 20.51
CA VAL A 288 -11.51 17.02 20.61
C VAL A 288 -11.15 16.65 22.05
N PRO A 289 -12.03 15.93 22.77
CA PRO A 289 -11.69 15.50 24.13
C PRO A 289 -10.51 14.53 24.11
N LEU A 290 -9.63 14.68 25.10
CA LEU A 290 -8.47 13.81 25.24
C LEU A 290 -8.55 13.11 26.59
N TYR A 291 -8.68 11.79 26.57
CA TYR A 291 -8.72 10.97 27.78
C TYR A 291 -7.38 10.25 27.91
N LEU A 292 -6.71 10.41 29.05
CA LEU A 292 -5.48 9.69 29.34
C LEU A 292 -5.74 8.74 30.51
N ILE A 293 -5.42 7.47 30.33
CA ILE A 293 -5.69 6.44 31.33
C ILE A 293 -4.37 6.02 31.95
N TYR A 294 -4.22 6.20 33.26
CA TYR A 294 -2.97 5.91 33.94
C TYR A 294 -3.30 5.57 35.39
N PRO A 295 -2.76 4.50 35.95
CA PRO A 295 -3.20 4.04 37.29
C PRO A 295 -3.03 5.10 38.39
N SER A 296 -4.07 5.28 39.18
CA SER A 296 -4.01 6.06 40.40
C SER A 296 -3.27 5.29 41.50
N VAL A 297 -2.91 5.99 42.57
CA VAL A 297 -2.33 5.34 43.75
C VAL A 297 -3.26 4.24 44.26
N GLU A 298 -4.56 4.52 44.31
N GLU A 298 -4.57 4.52 44.30
CA GLU A 298 -5.53 3.54 44.79
CA GLU A 298 -5.52 3.52 44.81
C GLU A 298 -5.61 2.33 43.87
C GLU A 298 -5.63 2.33 43.87
N ASN A 299 -5.55 2.55 42.55
CA ASN A 299 -5.49 1.43 41.62
C ASN A 299 -4.35 0.48 41.97
N VAL A 300 -3.17 1.06 42.25
CA VAL A 300 -1.98 0.24 42.52
C VAL A 300 -2.12 -0.43 43.88
N ARG A 301 -2.54 0.32 44.90
CA ARG A 301 -2.63 -0.23 46.25
C ARG A 301 -3.52 -1.47 46.29
N THR A 302 -4.66 -1.42 45.63
CA THR A 302 -5.62 -2.51 45.68
C THR A 302 -5.42 -3.55 44.57
N SER A 303 -4.35 -3.42 43.80
CA SER A 303 -4.08 -4.34 42.73
C SER A 303 -3.63 -5.72 43.26
N LEU A 304 -3.68 -6.72 42.37
CA LEU A 304 -3.26 -8.07 42.71
C LEU A 304 -1.84 -8.11 43.28
N GLU A 305 -0.92 -7.34 42.67
CA GLU A 305 0.45 -7.26 43.13
C GLU A 305 0.64 -6.34 44.32
N GLY A 306 -0.27 -5.41 44.55
CA GLY A 306 -0.10 -4.38 45.55
C GLY A 306 0.89 -3.34 45.07
N TYR A 307 1.47 -2.64 46.03
CA TYR A 307 2.38 -1.55 45.69
C TYR A 307 3.52 -1.99 44.77
N PRO A 308 4.06 -3.24 44.88
CA PRO A 308 5.13 -3.65 43.96
C PRO A 308 4.79 -3.51 42.48
N ALA A 309 3.48 -3.48 42.15
CA ALA A 309 3.08 -3.20 40.77
C ALA A 309 3.60 -1.86 40.29
N GLY A 310 3.71 -0.89 41.20
CA GLY A 310 4.21 0.43 40.86
C GLY A 310 5.69 0.46 40.50
N GLY A 311 6.44 -0.62 40.78
CA GLY A 311 7.77 -0.74 40.24
C GLY A 311 7.82 -0.78 38.72
N SER A 312 6.69 -1.10 38.08
CA SER A 312 6.59 -1.10 36.62
C SER A 312 5.73 0.04 36.08
N LEU A 313 5.52 1.07 36.89
CA LEU A 313 4.82 2.29 36.47
C LEU A 313 5.77 3.43 36.83
N PRO A 314 6.83 3.62 36.05
CA PRO A 314 7.91 4.54 36.45
C PRO A 314 7.65 6.00 36.08
N TYR A 315 6.90 6.67 36.93
CA TYR A 315 6.62 8.10 36.85
C TYR A 315 7.28 8.73 38.08
N SER A 316 8.34 9.50 37.87
CA SER A 316 9.09 10.03 39.00
C SER A 316 8.46 11.32 39.51
N ILE A 317 8.65 11.59 40.80
CA ILE A 317 8.13 12.83 41.37
C ILE A 317 8.78 14.05 40.73
N GLN A 318 10.06 13.93 40.35
CA GLN A 318 10.76 15.05 39.72
C GLN A 318 10.08 15.47 38.42
N THR A 319 9.71 14.49 37.60
CA THR A 319 8.97 14.78 36.37
C THR A 319 7.58 15.31 36.67
N ALA A 320 6.86 14.67 37.60
CA ALA A 320 5.45 14.99 37.80
C ALA A 320 5.25 16.40 38.35
N GLU A 321 6.14 16.86 39.25
CA GLU A 321 5.98 18.16 39.88
C GLU A 321 6.10 19.32 38.89
N LYS A 322 6.69 19.09 37.73
CA LYS A 322 6.82 20.14 36.71
C LYS A 322 5.66 20.15 35.72
N GLN A 323 4.68 19.27 35.87
CA GLN A 323 3.58 19.19 34.92
C GLN A 323 2.29 18.77 35.61
N ASN A 324 1.96 19.41 36.73
CA ASN A 324 0.70 19.10 37.38
C ASN A 324 -0.50 19.38 36.49
N TRP A 325 -0.36 20.28 35.49
CA TRP A 325 -1.44 20.52 34.55
C TRP A 325 -1.89 19.22 33.88
N LEU A 326 -0.97 18.26 33.71
CA LEU A 326 -1.25 17.04 32.98
C LEU A 326 -2.25 16.16 33.71
N HIS A 327 -2.24 16.17 35.04
CA HIS A 327 -3.01 15.19 35.78
C HIS A 327 -4.50 15.44 35.71
N SER A 328 -4.92 16.64 35.32
N SER A 328 -4.92 16.64 35.32
CA SER A 328 -6.34 16.89 35.07
CA SER A 328 -6.34 16.87 35.09
C SER A 328 -6.86 16.18 33.83
C SER A 328 -6.87 16.05 33.93
N TYR A 329 -5.99 15.51 33.08
CA TYR A 329 -6.39 14.64 31.97
C TYR A 329 -6.51 13.18 32.36
N PHE A 330 -6.16 12.83 33.60
CA PHE A 330 -5.96 11.43 33.95
C PHE A 330 -7.26 10.76 34.38
N HIS A 331 -7.40 9.51 33.95
CA HIS A 331 -8.55 8.67 34.24
C HIS A 331 -8.05 7.36 34.82
N LYS A 332 -8.86 6.77 35.70
CA LYS A 332 -8.47 5.56 36.43
C LYS A 332 -8.38 4.37 35.48
N TRP A 333 -7.60 3.38 35.90
CA TRP A 333 -7.62 2.09 35.25
C TRP A 333 -8.85 1.30 35.70
N SER A 334 -9.62 0.85 34.73
CA SER A 334 -10.79 0.02 35.03
C SER A 334 -10.98 -0.93 33.86
N ALA A 335 -11.14 -2.22 34.16
CA ALA A 335 -11.16 -3.22 33.12
C ALA A 335 -12.08 -4.38 33.51
N GLU A 336 -13.28 -4.04 34.01
CA GLU A 336 -14.28 -5.07 34.28
C GLU A 336 -14.58 -5.89 33.04
N THR A 337 -14.52 -5.28 31.85
CA THR A 337 -14.83 -6.00 30.62
C THR A 337 -13.94 -7.23 30.43
N SER A 338 -12.70 -7.20 30.94
CA SER A 338 -11.78 -8.32 30.82
C SER A 338 -11.41 -8.91 32.17
N GLY A 339 -12.12 -8.56 33.22
CA GLY A 339 -11.81 -9.04 34.56
C GLY A 339 -10.48 -8.60 35.12
N ARG A 340 -9.95 -7.45 34.66
CA ARG A 340 -8.57 -7.07 34.90
C ARG A 340 -8.43 -5.72 35.61
N SER A 341 -9.47 -5.25 36.31
CA SER A 341 -9.33 -3.98 37.04
C SER A 341 -8.21 -4.01 38.06
N ASN A 342 -7.89 -5.18 38.63
CA ASN A 342 -6.82 -5.28 39.62
C ASN A 342 -5.53 -5.84 39.04
N ALA A 343 -5.43 -5.96 37.70
CA ALA A 343 -4.23 -6.41 37.02
C ALA A 343 -3.64 -5.16 36.38
N MET A 344 -2.61 -4.59 37.00
CA MET A 344 -2.16 -3.27 36.58
C MET A 344 -1.66 -3.28 35.14
N PRO A 345 -1.90 -2.20 34.39
CA PRO A 345 -1.57 -2.21 32.96
C PRO A 345 -0.09 -1.97 32.71
N HIS A 346 0.49 -2.82 31.87
CA HIS A 346 1.75 -2.54 31.22
C HIS A 346 1.59 -2.50 29.70
N ILE A 347 0.42 -2.89 29.21
CA ILE A 347 0.02 -2.61 27.84
C ILE A 347 -0.04 -1.09 27.62
N LYS A 348 0.20 -0.66 26.38
CA LYS A 348 -0.04 0.72 25.99
C LYS A 348 -0.96 0.67 24.79
N THR A 349 -2.00 1.49 24.80
CA THR A 349 -2.96 1.52 23.71
C THR A 349 -3.40 2.95 23.43
N TYR A 350 -3.77 3.21 22.18
CA TYR A 350 -4.28 4.50 21.74
C TYR A 350 -5.42 4.21 20.78
N MET A 351 -6.51 4.97 20.87
CA MET A 351 -7.64 4.69 20.00
C MET A 351 -8.51 5.94 19.85
N ARG A 352 -9.46 5.87 18.90
CA ARG A 352 -10.31 7.00 18.54
C ARG A 352 -11.77 6.58 18.61
N PRO A 353 -12.38 6.57 19.79
CA PRO A 353 -13.79 6.18 19.88
C PRO A 353 -14.76 7.26 19.42
N SER A 354 -15.97 6.81 19.12
CA SER A 354 -17.09 7.69 18.81
C SER A 354 -17.53 8.41 20.09
N PRO A 355 -18.33 9.47 19.97
CA PRO A 355 -18.70 10.25 21.16
C PRO A 355 -19.39 9.44 22.23
N ASP A 356 -20.09 8.37 21.86
CA ASP A 356 -20.73 7.50 22.84
C ASP A 356 -19.94 6.22 23.09
N PHE A 357 -18.69 6.13 22.61
CA PHE A 357 -17.77 5.03 22.88
C PHE A 357 -18.30 3.68 22.38
N SER A 358 -19.24 3.68 21.43
CA SER A 358 -19.78 2.43 20.89
C SER A 358 -19.02 1.93 19.69
N LYS A 359 -18.27 2.80 19.03
CA LYS A 359 -17.46 2.48 17.86
C LYS A 359 -16.08 3.06 18.05
N ILE A 360 -15.11 2.57 17.28
CA ILE A 360 -13.79 3.19 17.24
C ILE A 360 -13.33 3.31 15.79
N ALA A 361 -12.67 4.42 15.49
CA ALA A 361 -12.14 4.65 14.15
C ALA A 361 -10.82 3.94 13.91
N TRP A 362 -10.11 3.57 14.97
CA TRP A 362 -8.84 2.85 14.89
C TRP A 362 -8.37 2.49 16.29
N PHE A 363 -7.46 1.52 16.36
CA PHE A 363 -6.90 1.05 17.63
C PHE A 363 -5.43 0.72 17.42
N LEU A 364 -4.58 1.14 18.35
CA LEU A 364 -3.15 0.88 18.28
C LEU A 364 -2.71 0.22 19.57
N VAL A 365 -2.00 -0.88 19.48
CA VAL A 365 -1.31 -1.45 20.64
C VAL A 365 0.18 -1.33 20.39
N THR A 366 0.93 -0.90 21.40
CA THR A 366 2.32 -0.52 21.16
C THR A 366 3.11 -0.61 22.47
N SER A 367 4.43 -0.53 22.32
CA SER A 367 5.31 -0.32 23.46
C SER A 367 5.47 1.15 23.84
N ALA A 368 4.98 2.08 23.03
CA ALA A 368 5.23 3.50 23.25
C ALA A 368 4.39 4.08 24.38
N ASN A 369 5.07 4.61 25.41
CA ASN A 369 4.43 5.33 26.49
C ASN A 369 4.17 6.79 26.08
N LEU A 370 3.63 7.57 27.01
CA LEU A 370 3.30 8.97 26.72
C LEU A 370 4.55 9.82 26.94
N SER A 371 5.40 9.85 25.91
CA SER A 371 6.67 10.55 26.04
C SER A 371 7.17 10.99 24.67
N LYS A 372 7.91 12.11 24.67
CA LYS A 372 8.57 12.59 23.46
C LYS A 372 9.65 11.63 22.99
N ALA A 373 10.33 10.95 23.91
CA ALA A 373 11.37 9.99 23.52
C ALA A 373 10.81 8.93 22.60
N ALA A 374 9.59 8.46 22.88
CA ALA A 374 8.97 7.34 22.18
C ALA A 374 8.27 7.78 20.91
N TRP A 375 7.59 8.92 20.95
CA TRP A 375 6.75 9.35 19.85
C TRP A 375 7.42 10.36 18.95
N GLY A 376 8.46 11.02 19.44
CA GLY A 376 9.15 12.01 18.65
C GLY A 376 8.69 13.42 19.00
N ALA A 377 9.60 14.37 18.86
CA ALA A 377 9.33 15.78 19.11
C ALA A 377 9.90 16.58 17.95
N LEU A 378 9.12 17.54 17.46
CA LEU A 378 9.58 18.33 16.32
C LEU A 378 10.74 19.25 16.72
N GLU A 379 11.69 19.41 15.79
CA GLU A 379 12.86 20.25 15.97
C GLU A 379 13.09 21.04 14.68
N LYS A 380 13.98 22.04 14.75
CA LYS A 380 14.40 22.79 13.56
C LYS A 380 13.21 23.44 12.84
N ASN A 381 12.48 24.28 13.58
CA ASN A 381 11.38 25.05 13.00
C ASN A 381 10.31 24.14 12.40
N GLY A 382 10.09 22.96 13.01
CA GLY A 382 9.06 22.04 12.55
C GLY A 382 9.45 21.16 11.37
N THR A 383 10.72 21.13 10.99
CA THR A 383 11.17 20.38 9.81
C THR A 383 11.81 19.04 10.13
N GLN A 384 12.04 18.73 11.40
CA GLN A 384 12.79 17.54 11.77
C GLN A 384 12.09 16.88 12.95
N LEU A 385 11.90 15.57 12.88
CA LEU A 385 11.33 14.82 14.01
C LEU A 385 12.45 14.05 14.68
N MET A 386 12.69 14.34 15.95
CA MET A 386 13.75 13.69 16.71
C MET A 386 13.13 12.64 17.63
N ILE A 387 13.63 11.41 17.53
CA ILE A 387 13.14 10.29 18.33
C ILE A 387 14.34 9.72 19.07
N ARG A 388 14.16 9.40 20.35
CA ARG A 388 15.29 8.88 21.12
C ARG A 388 15.32 7.37 21.22
N SER A 389 14.19 6.67 21.10
N SER A 389 14.19 6.70 21.09
CA SER A 389 14.08 5.30 21.54
CA SER A 389 14.06 5.31 21.50
C SER A 389 13.40 4.42 20.51
C SER A 389 13.62 4.42 20.34
N TYR A 390 13.70 3.12 20.57
CA TYR A 390 13.06 2.12 19.72
C TYR A 390 11.72 1.75 20.34
N GLU A 391 10.66 1.78 19.54
CA GLU A 391 9.31 1.39 19.94
C GLU A 391 8.65 0.67 18.77
N LEU A 392 7.65 -0.15 19.07
CA LEU A 392 6.96 -0.87 18.01
C LEU A 392 5.53 -1.20 18.41
N GLY A 393 4.61 -0.98 17.48
CA GLY A 393 3.22 -1.28 17.73
C GLY A 393 2.52 -1.65 16.43
N VAL A 394 1.27 -2.07 16.52
CA VAL A 394 0.49 -2.36 15.32
C VAL A 394 -0.84 -1.63 15.39
N LEU A 395 -1.25 -1.12 14.23
CA LEU A 395 -2.43 -0.27 14.05
C LEU A 395 -3.52 -1.05 13.32
N PHE A 396 -4.69 -1.09 13.93
CA PHE A 396 -5.89 -1.70 13.38
C PHE A 396 -6.74 -0.59 12.78
N LEU A 397 -6.89 -0.59 11.44
CA LEU A 397 -7.69 0.39 10.73
C LEU A 397 -8.89 -0.31 10.09
N PRO A 398 -10.11 0.22 10.25
CA PRO A 398 -11.29 -0.44 9.67
C PRO A 398 -11.16 -0.71 8.19
N SER A 399 -10.54 0.21 7.43
CA SER A 399 -10.38 0.00 6.00
C SER A 399 -9.59 -1.26 5.68
N ALA A 400 -8.64 -1.64 6.54
CA ALA A 400 -7.89 -2.86 6.29
C ALA A 400 -8.73 -4.11 6.51
N PHE A 401 -9.93 -3.97 7.07
CA PHE A 401 -10.83 -5.10 7.28
C PHE A 401 -12.12 -4.96 6.48
N GLY A 402 -12.16 -4.03 5.52
CA GLY A 402 -13.36 -3.81 4.75
C GLY A 402 -14.48 -3.12 5.49
N LEU A 403 -14.16 -2.32 6.50
CA LEU A 403 -15.15 -1.70 7.38
C LEU A 403 -14.97 -0.19 7.42
N ASP A 404 -16.03 0.50 7.85
CA ASP A 404 -15.95 1.95 8.06
C ASP A 404 -15.53 2.30 9.47
N SER A 405 -15.88 1.46 10.44
CA SER A 405 -15.47 1.61 11.83
C SER A 405 -15.59 0.24 12.48
N PHE A 406 -15.00 0.11 13.67
CA PHE A 406 -15.13 -1.09 14.48
C PHE A 406 -16.17 -0.86 15.55
N LYS A 407 -17.09 -1.81 15.70
N LYS A 407 -17.04 -1.85 15.76
CA LYS A 407 -17.89 -1.83 16.92
CA LYS A 407 -17.92 -1.83 16.92
C LYS A 407 -16.99 -2.20 18.09
C LYS A 407 -17.17 -2.37 18.14
N VAL A 408 -17.33 -1.72 19.28
CA VAL A 408 -16.61 -2.10 20.49
C VAL A 408 -17.26 -3.35 21.08
N LYS A 409 -16.46 -4.39 21.29
CA LYS A 409 -16.97 -5.61 21.91
C LYS A 409 -17.36 -5.33 23.36
N GLN A 410 -18.56 -5.75 23.76
CA GLN A 410 -19.09 -5.35 25.05
C GLN A 410 -18.43 -6.10 26.20
N LYS A 411 -18.14 -7.39 26.02
CA LYS A 411 -17.36 -8.17 26.96
C LYS A 411 -16.16 -8.74 26.21
N PHE A 412 -14.95 -8.49 26.74
CA PHE A 412 -13.72 -8.79 26.00
C PHE A 412 -13.64 -10.26 25.59
N PHE A 413 -13.98 -11.17 26.49
CA PHE A 413 -13.92 -12.61 26.25
C PHE A 413 -15.27 -13.20 25.85
N ALA A 414 -16.13 -12.42 25.21
CA ALA A 414 -17.45 -12.89 24.81
C ALA A 414 -17.58 -12.90 23.29
N GLY A 415 -18.64 -13.56 22.81
CA GLY A 415 -18.88 -13.69 21.39
C GLY A 415 -19.68 -12.53 20.79
N PRO A 419 -21.16 -11.06 16.52
CA PRO A 419 -20.31 -10.98 15.34
C PRO A 419 -18.81 -10.86 15.68
N MET A 420 -17.96 -11.43 14.83
CA MET A 420 -16.53 -11.38 15.05
C MET A 420 -15.88 -10.10 14.55
N ALA A 421 -16.65 -9.21 13.92
CA ALA A 421 -16.16 -7.92 13.45
C ALA A 421 -16.23 -6.83 14.50
N THR A 422 -16.24 -7.18 15.78
CA THR A 422 -16.27 -6.22 16.86
C THR A 422 -14.92 -6.26 17.59
N PHE A 423 -14.38 -5.07 17.88
CA PHE A 423 -13.00 -5.05 18.33
C PHE A 423 -12.91 -5.22 19.84
N PRO A 424 -12.02 -6.11 20.33
CA PRO A 424 -11.92 -6.36 21.77
C PRO A 424 -11.10 -5.31 22.49
N VAL A 425 -11.76 -4.24 22.91
CA VAL A 425 -11.10 -3.24 23.75
C VAL A 425 -10.95 -3.81 25.17
N PRO A 426 -9.74 -3.83 25.73
CA PRO A 426 -9.50 -4.58 26.98
C PRO A 426 -9.84 -3.83 28.25
N TYR A 427 -10.19 -2.54 28.20
CA TYR A 427 -10.59 -1.82 29.40
C TYR A 427 -11.94 -1.15 29.18
N ASP A 428 -12.52 -0.66 30.27
CA ASP A 428 -13.87 -0.13 30.28
C ASP A 428 -13.95 1.24 29.63
N LEU A 429 -15.07 1.48 28.93
CA LEU A 429 -15.43 2.75 28.35
C LEU A 429 -16.81 3.18 28.86
N PRO A 430 -17.02 4.49 29.08
CA PRO A 430 -16.02 5.56 28.96
C PRO A 430 -15.06 5.49 30.15
N PRO A 431 -13.86 6.03 30.00
CA PRO A 431 -12.91 6.04 31.13
C PRO A 431 -13.43 6.96 32.23
N GLU A 432 -13.07 6.64 33.47
CA GLU A 432 -13.58 7.37 34.64
C GLU A 432 -12.51 8.34 35.14
N LEU A 433 -12.86 9.63 35.21
CA LEU A 433 -11.91 10.64 35.67
C LEU A 433 -11.49 10.37 37.11
N TYR A 434 -10.22 10.68 37.41
CA TYR A 434 -9.76 10.67 38.80
C TYR A 434 -10.72 11.44 39.68
N GLY A 435 -10.98 10.92 40.87
CA GLY A 435 -11.67 11.69 41.88
C GLY A 435 -10.76 12.72 42.52
N SER A 436 -11.37 13.64 43.29
CA SER A 436 -10.62 14.74 43.87
C SER A 436 -9.53 14.24 44.82
N LYS A 437 -9.72 13.09 45.45
CA LYS A 437 -8.73 12.52 46.35
C LYS A 437 -7.75 11.60 45.66
N ASP A 438 -7.91 11.36 44.37
CA ASP A 438 -7.00 10.47 43.65
C ASP A 438 -5.73 11.21 43.24
N ARG A 439 -4.65 10.45 43.11
CA ARG A 439 -3.37 10.96 42.67
C ARG A 439 -2.77 9.97 41.68
N PRO A 440 -2.00 10.45 40.73
CA PRO A 440 -1.33 9.50 39.82
C PRO A 440 -0.29 8.72 40.59
N TRP A 441 -0.15 7.44 40.25
CA TRP A 441 0.95 6.65 40.80
C TRP A 441 2.28 7.30 40.46
N ILE A 442 3.06 7.62 41.50
CA ILE A 442 4.40 8.18 41.35
C ILE A 442 5.31 7.25 42.14
N TRP A 443 6.30 6.65 41.46
CA TRP A 443 6.92 5.44 42.02
C TRP A 443 7.99 5.73 43.08
N ASN A 444 8.57 6.93 43.13
CA ASN A 444 9.67 7.18 44.04
C ASN A 444 9.30 8.16 45.17
N ILE A 445 8.08 8.02 45.70
CA ILE A 445 7.69 8.64 46.97
C ILE A 445 6.93 7.61 47.80
N PRO A 446 6.92 7.76 49.12
CA PRO A 446 6.32 6.73 49.97
C PRO A 446 4.80 6.82 50.05
N TYR A 447 4.19 5.66 50.26
CA TYR A 447 2.76 5.55 50.53
C TYR A 447 2.58 4.73 51.80
N VAL A 448 2.25 5.40 52.91
CA VAL A 448 2.31 4.78 54.22
C VAL A 448 0.99 4.97 54.98
N LYS A 449 -0.06 5.40 54.27
CA LYS A 449 -1.34 5.68 54.90
C LYS A 449 -2.26 4.46 54.95
N ALA A 450 -2.24 3.61 53.92
CA ALA A 450 -3.08 2.44 53.87
C ALA A 450 -2.31 1.31 53.22
N PRO A 451 -2.42 0.09 53.72
CA PRO A 451 -1.61 -1.02 53.21
C PRO A 451 -2.21 -1.62 51.95
N ASP A 452 -1.36 -2.37 51.22
CA ASP A 452 -1.79 -2.94 49.95
C ASP A 452 -2.40 -4.32 50.20
N THR A 453 -2.68 -5.05 49.11
CA THR A 453 -3.35 -6.35 49.21
C THR A 453 -2.49 -7.41 49.91
N HIS A 454 -1.20 -7.14 50.13
CA HIS A 454 -0.31 -8.08 50.80
C HIS A 454 0.06 -7.63 52.20
N GLY A 455 -0.53 -6.52 52.67
CA GLY A 455 -0.28 -6.02 54.01
C GLY A 455 0.84 -5.02 54.16
N ASN A 456 1.39 -4.52 53.06
CA ASN A 456 2.61 -3.71 53.10
C ASN A 456 2.36 -2.27 52.69
N MET A 457 3.29 -1.41 53.10
CA MET A 457 3.38 -0.03 52.65
C MET A 457 4.40 0.04 51.52
N TRP A 458 4.61 1.26 51.00
CA TRP A 458 5.57 1.50 49.92
C TRP A 458 6.60 2.49 50.43
N VAL A 459 7.83 2.03 50.59
CA VAL A 459 8.93 2.86 51.10
C VAL A 459 10.09 2.77 50.12
N PRO A 460 10.19 3.69 49.13
CA PRO A 460 11.21 3.65 48.09
C PRO A 460 12.64 3.82 48.62
N ASN B 15 4.80 -16.95 -17.35
CA ASN B 15 4.82 -15.54 -16.99
C ASN B 15 3.95 -15.24 -15.77
N PRO B 16 4.43 -14.32 -14.92
CA PRO B 16 3.54 -13.72 -13.92
C PRO B 16 2.85 -12.46 -14.42
N PHE B 17 3.24 -11.96 -15.60
CA PHE B 17 2.87 -10.62 -15.97
C PHE B 17 1.50 -10.53 -16.63
N GLN B 18 1.05 -11.60 -17.28
CA GLN B 18 -0.28 -11.64 -17.92
C GLN B 18 -0.46 -10.46 -18.89
N PHE B 19 0.61 -10.17 -19.62
CA PHE B 19 0.60 -9.15 -20.66
C PHE B 19 0.64 -9.86 -22.00
N TYR B 20 -0.38 -9.60 -22.83
CA TYR B 20 -0.57 -10.28 -24.10
C TYR B 20 -0.64 -9.27 -25.23
N LEU B 21 -0.32 -9.74 -26.43
CA LEU B 21 -0.66 -9.01 -27.64
C LEU B 21 -1.90 -9.61 -28.30
N THR B 22 -2.56 -8.80 -29.13
CA THR B 22 -3.68 -9.32 -29.88
C THR B 22 -3.18 -10.17 -31.05
N ARG B 23 -4.02 -11.11 -31.47
CA ARG B 23 -3.73 -11.91 -32.65
C ARG B 23 -3.64 -11.05 -33.91
N VAL B 24 -2.68 -11.34 -34.79
CA VAL B 24 -2.50 -10.58 -36.02
C VAL B 24 -2.73 -11.52 -37.20
N SER B 25 -3.66 -11.15 -38.08
CA SER B 25 -3.91 -11.92 -39.28
C SER B 25 -2.80 -11.66 -40.31
N GLY B 26 -2.25 -12.72 -40.87
CA GLY B 26 -1.26 -12.56 -41.92
C GLY B 26 0.18 -12.65 -41.47
N VAL B 27 0.43 -13.07 -40.23
CA VAL B 27 1.77 -13.46 -39.81
C VAL B 27 1.78 -14.96 -39.57
N LYS B 28 2.98 -15.51 -39.55
CA LYS B 28 3.18 -16.92 -39.26
C LYS B 28 2.56 -17.29 -37.93
N PRO B 29 1.92 -18.47 -37.82
CA PRO B 29 1.28 -18.87 -36.55
C PRO B 29 2.17 -18.81 -35.31
N LYS B 30 3.49 -18.98 -35.47
CA LYS B 30 4.38 -18.89 -34.32
C LYS B 30 4.31 -17.54 -33.64
N TYR B 31 3.94 -16.49 -34.38
CA TYR B 31 3.82 -15.15 -33.82
C TYR B 31 2.43 -14.88 -33.24
N ASN B 32 1.55 -15.88 -33.24
CA ASN B 32 0.25 -15.76 -32.59
C ASN B 32 0.09 -16.78 -31.48
N SER B 33 1.10 -17.59 -31.21
CA SER B 33 1.01 -18.63 -30.19
C SER B 33 0.53 -18.09 -28.85
N GLY B 34 1.19 -17.05 -28.33
CA GLY B 34 0.77 -16.49 -27.05
C GLY B 34 -0.16 -15.30 -27.14
N ALA B 35 -0.78 -15.06 -28.29
CA ALA B 35 -1.60 -13.88 -28.52
C ALA B 35 -3.07 -14.21 -28.26
N LEU B 36 -3.86 -13.16 -28.10
CA LEU B 36 -5.26 -13.29 -27.71
C LEU B 36 -6.16 -12.51 -28.67
N HIS B 37 -7.20 -13.16 -29.15
CA HIS B 37 -8.28 -12.48 -29.83
C HIS B 37 -9.39 -12.19 -28.83
N ILE B 38 -10.25 -11.23 -29.18
CA ILE B 38 -11.35 -10.90 -28.29
C ILE B 38 -12.24 -12.11 -28.06
N LYS B 39 -12.38 -12.98 -29.06
CA LYS B 39 -13.14 -14.21 -28.87
C LYS B 39 -12.54 -15.07 -27.77
N ASP B 40 -11.20 -15.09 -27.67
CA ASP B 40 -10.57 -15.85 -26.60
C ASP B 40 -10.89 -15.25 -25.25
N ILE B 41 -10.90 -13.92 -25.16
CA ILE B 41 -11.09 -13.27 -23.87
C ILE B 41 -12.49 -13.57 -23.33
N LEU B 42 -13.49 -13.58 -24.21
CA LEU B 42 -14.88 -13.76 -23.83
C LEU B 42 -15.30 -15.23 -23.83
N SER B 43 -14.38 -16.14 -24.10
CA SER B 43 -14.69 -17.56 -24.17
C SER B 43 -15.15 -18.12 -22.82
N PRO B 44 -15.98 -19.17 -22.83
N PRO B 44 -15.99 -19.16 -22.84
CA PRO B 44 -16.37 -19.80 -21.56
CA PRO B 44 -16.38 -19.80 -21.57
C PRO B 44 -15.22 -20.46 -20.84
C PRO B 44 -15.21 -20.45 -20.84
N LEU B 45 -14.07 -20.65 -21.51
CA LEU B 45 -12.88 -21.14 -20.83
C LEU B 45 -12.40 -20.15 -19.76
N PHE B 46 -12.78 -18.88 -19.87
CA PHE B 46 -12.35 -17.86 -18.92
C PHE B 46 -13.33 -17.67 -17.77
N GLY B 47 -14.56 -18.13 -17.90
CA GLY B 47 -15.56 -18.02 -16.86
C GLY B 47 -16.95 -18.04 -17.46
N THR B 48 -17.95 -18.29 -16.61
CA THR B 48 -19.35 -18.34 -17.03
C THR B 48 -19.96 -16.95 -16.89
N LEU B 49 -20.05 -16.23 -18.00
CA LEU B 49 -20.38 -14.82 -17.96
C LEU B 49 -21.80 -14.58 -17.44
N VAL B 50 -21.91 -13.61 -16.53
CA VAL B 50 -23.19 -13.17 -16.01
C VAL B 50 -23.53 -11.76 -16.48
N SER B 51 -22.52 -10.90 -16.61
CA SER B 51 -22.70 -9.52 -17.00
C SER B 51 -21.34 -8.96 -17.40
N SER B 52 -21.35 -7.91 -18.21
CA SER B 52 -20.07 -7.31 -18.58
C SER B 52 -20.24 -5.81 -18.82
N ALA B 53 -19.13 -5.09 -18.66
CA ALA B 53 -19.03 -3.68 -19.00
C ALA B 53 -17.90 -3.52 -19.99
N GLN B 54 -18.14 -2.74 -21.04
CA GLN B 54 -17.14 -2.45 -22.07
C GLN B 54 -16.89 -0.94 -22.08
N PHE B 55 -15.75 -0.52 -21.53
CA PHE B 55 -15.31 0.87 -21.63
C PHE B 55 -14.51 1.00 -22.91
N ASN B 56 -14.83 1.99 -23.74
CA ASN B 56 -14.05 2.15 -24.96
C ASN B 56 -14.33 3.52 -25.57
N TYR B 57 -13.67 3.78 -26.70
CA TYR B 57 -13.84 5.00 -27.46
C TYR B 57 -14.77 4.77 -28.65
N CYS B 58 -14.45 3.81 -29.51
CA CYS B 58 -15.21 3.51 -30.71
C CYS B 58 -15.80 2.10 -30.61
N PHE B 59 -17.05 1.95 -31.05
CA PHE B 59 -17.80 0.71 -30.93
C PHE B 59 -18.43 0.32 -32.26
N ASP B 60 -18.44 -0.98 -32.56
CA ASP B 60 -19.27 -1.59 -33.60
C ASP B 60 -20.09 -2.67 -32.89
N VAL B 61 -21.34 -2.33 -32.54
CA VAL B 61 -22.09 -3.19 -31.63
C VAL B 61 -22.44 -4.51 -32.28
N ASP B 62 -22.83 -4.46 -33.57
N ASP B 62 -22.80 -4.48 -33.57
CA ASP B 62 -23.07 -5.70 -34.32
CA ASP B 62 -23.08 -5.73 -34.27
C ASP B 62 -21.87 -6.63 -34.23
C ASP B 62 -21.86 -6.65 -34.26
N TRP B 63 -20.68 -6.10 -34.53
CA TRP B 63 -19.47 -6.88 -34.43
C TRP B 63 -19.20 -7.33 -32.99
N LEU B 64 -19.38 -6.42 -32.04
CA LEU B 64 -19.06 -6.71 -30.65
C LEU B 64 -19.88 -7.87 -30.12
N VAL B 65 -21.18 -7.88 -30.41
CA VAL B 65 -22.04 -8.95 -29.89
C VAL B 65 -21.63 -10.30 -30.47
N LYS B 66 -21.20 -10.33 -31.73
CA LYS B 66 -20.77 -11.60 -32.33
C LYS B 66 -19.48 -12.12 -31.73
N GLN B 67 -18.72 -11.30 -31.00
CA GLN B 67 -17.52 -11.77 -30.34
C GLN B 67 -17.82 -12.51 -29.04
N TYR B 68 -18.96 -12.25 -28.42
CA TYR B 68 -19.37 -13.04 -27.27
C TYR B 68 -19.81 -14.43 -27.73
N PRO B 69 -19.55 -15.46 -26.94
CA PRO B 69 -20.05 -16.79 -27.30
C PRO B 69 -21.56 -16.80 -27.33
N PRO B 70 -22.16 -17.65 -28.17
CA PRO B 70 -23.62 -17.67 -28.30
C PRO B 70 -24.35 -17.75 -26.97
N GLU B 71 -23.89 -18.60 -26.06
CA GLU B 71 -24.52 -18.76 -24.75
C GLU B 71 -24.57 -17.46 -23.95
N PHE B 72 -23.67 -16.51 -24.22
CA PHE B 72 -23.55 -15.30 -23.42
C PHE B 72 -24.08 -14.05 -24.12
N ARG B 73 -24.56 -14.17 -25.35
CA ARG B 73 -24.81 -12.98 -26.16
C ARG B 73 -26.00 -12.15 -25.67
N LYS B 74 -26.86 -12.70 -24.82
CA LYS B 74 -27.96 -11.93 -24.27
C LYS B 74 -27.75 -11.51 -22.82
N LYS B 75 -26.61 -11.86 -22.21
CA LYS B 75 -26.31 -11.35 -20.88
C LYS B 75 -26.15 -9.83 -20.95
N PRO B 76 -26.43 -9.13 -19.86
CA PRO B 76 -26.38 -7.65 -19.94
C PRO B 76 -24.98 -7.15 -20.26
N ILE B 77 -24.93 -6.09 -21.06
CA ILE B 77 -23.69 -5.46 -21.49
C ILE B 77 -23.86 -3.96 -21.28
N LEU B 78 -22.90 -3.34 -20.61
CA LEU B 78 -22.88 -1.89 -20.44
C LEU B 78 -21.77 -1.31 -21.29
N LEU B 79 -22.14 -0.41 -22.20
CA LEU B 79 -21.19 0.32 -23.01
C LEU B 79 -20.90 1.66 -22.33
N VAL B 80 -19.66 1.89 -21.94
CA VAL B 80 -19.23 3.17 -21.40
C VAL B 80 -18.48 3.94 -22.47
N HIS B 81 -19.01 5.09 -22.88
CA HIS B 81 -18.52 5.86 -24.03
C HIS B 81 -18.52 7.35 -23.68
N GLY B 82 -17.91 8.16 -24.54
CA GLY B 82 -17.89 9.60 -24.34
C GLY B 82 -18.61 10.41 -25.41
N ASP B 83 -19.42 9.74 -26.24
CA ASP B 83 -20.02 10.38 -27.40
C ASP B 83 -21.13 11.36 -27.02
N LYS B 84 -21.28 12.40 -27.85
CA LYS B 84 -22.27 13.45 -27.64
C LYS B 84 -23.09 13.66 -28.91
N ARG B 85 -24.21 14.37 -28.75
CA ARG B 85 -25.03 14.91 -29.85
C ARG B 85 -25.35 13.79 -30.84
N GLU B 86 -25.08 13.95 -32.13
CA GLU B 86 -25.50 12.93 -33.09
C GLU B 86 -24.61 11.69 -33.03
N ALA B 87 -23.33 11.84 -32.69
CA ALA B 87 -22.52 10.67 -32.41
C ALA B 87 -23.16 9.81 -31.33
N LYS B 88 -23.67 10.45 -30.28
CA LYS B 88 -24.36 9.70 -29.22
C LYS B 88 -25.61 9.02 -29.76
N ALA B 89 -26.40 9.73 -30.58
CA ALA B 89 -27.60 9.13 -31.17
C ALA B 89 -27.24 7.93 -32.03
N HIS B 90 -26.20 8.08 -32.86
CA HIS B 90 -25.81 6.96 -33.73
C HIS B 90 -25.42 5.74 -32.90
N LEU B 91 -24.71 5.95 -31.79
CA LEU B 91 -24.36 4.84 -30.92
C LEU B 91 -25.61 4.19 -30.34
N HIS B 92 -26.55 5.02 -29.84
CA HIS B 92 -27.82 4.47 -29.35
C HIS B 92 -28.55 3.71 -30.44
N ALA B 93 -28.50 4.23 -31.67
CA ALA B 93 -29.12 3.55 -32.81
C ALA B 93 -28.50 2.17 -33.01
N GLN B 94 -27.16 2.09 -32.98
CA GLN B 94 -26.48 0.81 -33.11
C GLN B 94 -26.98 -0.20 -32.09
N ALA B 95 -27.23 0.25 -30.86
CA ALA B 95 -27.49 -0.66 -29.75
C ALA B 95 -28.96 -1.08 -29.64
N LYS B 96 -29.89 -0.34 -30.27
CA LYS B 96 -31.32 -0.62 -30.13
C LYS B 96 -31.70 -2.07 -30.40
N PRO B 97 -31.22 -2.75 -31.47
CA PRO B 97 -31.63 -4.13 -31.71
C PRO B 97 -31.36 -5.10 -30.57
N TYR B 98 -30.47 -4.77 -29.62
CA TYR B 98 -30.11 -5.66 -28.53
C TYR B 98 -30.64 -5.07 -27.22
N GLU B 99 -31.65 -5.73 -26.65
CA GLU B 99 -32.33 -5.22 -25.46
C GLU B 99 -31.52 -5.44 -24.18
N ASN B 100 -30.42 -6.17 -24.25
CA ASN B 100 -29.55 -6.40 -23.11
C ASN B 100 -28.42 -5.39 -23.01
N ILE B 101 -28.38 -4.39 -23.89
CA ILE B 101 -27.25 -3.47 -23.95
C ILE B 101 -27.67 -2.12 -23.41
N SER B 102 -27.03 -1.71 -22.31
CA SER B 102 -27.20 -0.39 -21.73
C SER B 102 -26.00 0.48 -22.07
N LEU B 103 -26.20 1.78 -21.99
CA LEU B 103 -25.18 2.76 -22.35
C LEU B 103 -24.96 3.73 -21.20
N CYS B 104 -23.71 4.15 -21.03
CA CYS B 104 -23.32 5.13 -20.02
C CYS B 104 -22.44 6.17 -20.68
N GLN B 105 -22.90 7.41 -20.68
CA GLN B 105 -22.17 8.50 -21.34
C GLN B 105 -21.28 9.17 -20.30
N ALA B 106 -19.99 8.91 -20.39
CA ALA B 106 -19.01 9.54 -19.51
C ALA B 106 -19.01 11.04 -19.73
N LYS B 107 -19.17 11.79 -18.65
CA LYS B 107 -19.19 13.25 -18.74
C LYS B 107 -17.84 13.76 -19.19
N LEU B 108 -17.86 14.73 -20.11
CA LEU B 108 -16.66 15.35 -20.65
C LEU B 108 -16.84 16.86 -20.59
N ASP B 109 -16.82 17.40 -19.38
CA ASP B 109 -17.10 18.81 -19.14
C ASP B 109 -15.88 19.71 -19.32
N ILE B 110 -14.81 19.21 -19.92
CA ILE B 110 -13.70 20.04 -20.37
C ILE B 110 -13.60 19.88 -21.88
N ALA B 111 -13.31 20.97 -22.57
CA ALA B 111 -13.31 20.96 -24.02
C ALA B 111 -12.18 20.08 -24.56
N PHE B 112 -12.44 19.47 -25.73
CA PHE B 112 -11.46 18.65 -26.44
C PHE B 112 -11.06 17.42 -25.62
N GLY B 113 -11.98 16.91 -24.83
CA GLY B 113 -11.76 15.72 -24.03
C GLY B 113 -12.34 14.49 -24.70
N THR B 114 -11.70 13.35 -24.46
CA THR B 114 -12.08 12.09 -25.07
C THR B 114 -12.21 11.02 -24.00
N HIS B 115 -13.11 10.07 -24.21
CA HIS B 115 -13.12 8.87 -23.37
C HIS B 115 -12.31 7.81 -24.09
N HIS B 116 -11.01 7.73 -23.74
CA HIS B 116 -10.07 6.82 -24.40
C HIS B 116 -9.93 5.48 -23.69
N THR B 117 -10.31 5.40 -22.41
CA THR B 117 -10.13 4.20 -21.60
C THR B 117 -10.71 2.97 -22.29
N LYS B 118 -9.91 1.91 -22.33
CA LYS B 118 -10.33 0.63 -22.89
C LYS B 118 -10.20 -0.43 -21.81
N MET B 119 -11.34 -0.90 -21.32
CA MET B 119 -11.38 -1.83 -20.20
C MET B 119 -12.62 -2.70 -20.34
N MET B 120 -12.49 -3.96 -19.96
CA MET B 120 -13.61 -4.87 -19.80
C MET B 120 -13.74 -5.22 -18.32
N LEU B 121 -14.97 -5.17 -17.79
CA LEU B 121 -15.27 -5.77 -16.50
C LEU B 121 -16.15 -6.99 -16.76
N LEU B 122 -15.70 -8.16 -16.35
CA LEU B 122 -16.35 -9.41 -16.70
C LEU B 122 -16.79 -10.12 -15.42
N LEU B 123 -18.09 -10.15 -15.17
CA LEU B 123 -18.62 -10.81 -13.99
C LEU B 123 -19.03 -12.23 -14.34
N TYR B 124 -18.47 -13.20 -13.63
CA TYR B 124 -18.75 -14.62 -13.81
C TYR B 124 -19.48 -15.20 -12.61
N GLU B 125 -20.03 -16.40 -12.81
CA GLU B 125 -20.49 -17.20 -11.68
C GLU B 125 -19.35 -17.56 -10.74
N GLU B 126 -18.13 -17.63 -11.28
CA GLU B 126 -16.97 -18.07 -10.52
C GLU B 126 -16.18 -16.91 -9.92
N GLY B 127 -16.48 -15.68 -10.29
CA GLY B 127 -15.68 -14.56 -9.80
C GLY B 127 -15.78 -13.37 -10.73
N LEU B 128 -14.70 -12.57 -10.76
CA LEU B 128 -14.68 -11.33 -11.51
C LEU B 128 -13.33 -11.20 -12.22
N ARG B 129 -13.35 -10.65 -13.42
CA ARG B 129 -12.11 -10.40 -14.15
C ARG B 129 -12.09 -8.98 -14.69
N VAL B 130 -10.91 -8.38 -14.71
CA VAL B 130 -10.71 -7.04 -15.25
C VAL B 130 -9.71 -7.17 -16.39
N VAL B 131 -10.06 -6.61 -17.54
CA VAL B 131 -9.18 -6.59 -18.71
C VAL B 131 -8.91 -5.14 -19.05
N ILE B 132 -7.64 -4.74 -19.06
CA ILE B 132 -7.27 -3.39 -19.46
C ILE B 132 -6.41 -3.52 -20.72
N HIS B 133 -6.82 -2.84 -21.79
CA HIS B 133 -6.24 -3.14 -23.10
C HIS B 133 -6.20 -1.86 -23.94
N THR B 134 -5.85 -2.00 -25.22
CA THR B 134 -5.66 -0.81 -26.03
C THR B 134 -6.53 -0.75 -27.29
N SER B 135 -7.38 -1.74 -27.54
CA SER B 135 -8.10 -1.85 -28.82
C SER B 135 -9.50 -1.23 -28.75
N ASN B 136 -9.89 -0.56 -29.83
CA ASN B 136 -11.29 -0.20 -30.00
C ASN B 136 -12.12 -1.45 -30.31
N LEU B 137 -13.42 -1.34 -30.10
CA LEU B 137 -14.30 -2.50 -30.27
C LEU B 137 -14.85 -2.52 -31.69
N ILE B 138 -13.91 -2.56 -32.65
CA ILE B 138 -14.19 -2.62 -34.07
C ILE B 138 -13.27 -3.67 -34.69
N HIS B 139 -13.75 -4.30 -35.76
CA HIS B 139 -12.97 -5.38 -36.38
C HIS B 139 -11.54 -4.97 -36.68
N ALA B 140 -11.34 -3.76 -37.22
CA ALA B 140 -10.01 -3.36 -37.69
C ALA B 140 -8.97 -3.34 -36.58
N ASP B 141 -9.39 -3.01 -35.35
CA ASP B 141 -8.43 -2.89 -34.28
C ASP B 141 -7.90 -4.22 -33.78
N TRP B 142 -8.56 -5.33 -34.13
CA TRP B 142 -8.13 -6.65 -33.69
C TRP B 142 -7.62 -7.50 -34.85
N HIS B 143 -7.39 -6.89 -36.01
CA HIS B 143 -7.09 -7.64 -37.23
C HIS B 143 -5.60 -7.68 -37.52
N GLN B 144 -5.01 -6.55 -37.88
CA GLN B 144 -3.60 -6.53 -38.24
C GLN B 144 -2.85 -5.42 -37.51
N LYS B 145 -3.21 -5.11 -36.26
CA LYS B 145 -2.50 -4.09 -35.50
C LYS B 145 -1.77 -4.73 -34.33
N THR B 146 -0.77 -4.02 -33.81
CA THR B 146 -0.13 -4.40 -32.55
C THR B 146 -0.90 -3.72 -31.43
N GLN B 147 -1.55 -4.52 -30.60
CA GLN B 147 -2.34 -4.05 -29.47
C GLN B 147 -1.92 -4.84 -28.24
N GLY B 148 -2.13 -4.25 -27.07
CA GLY B 148 -1.71 -4.85 -25.82
C GLY B 148 -2.91 -5.09 -24.92
N ILE B 149 -2.80 -6.15 -24.11
CA ILE B 149 -3.86 -6.62 -23.21
C ILE B 149 -3.24 -7.01 -21.88
N TRP B 150 -3.80 -6.51 -20.78
CA TRP B 150 -3.51 -7.04 -19.46
C TRP B 150 -4.72 -7.81 -18.95
N LEU B 151 -4.51 -9.05 -18.54
CA LEU B 151 -5.56 -9.89 -18.00
C LEU B 151 -5.38 -10.00 -16.49
N SER B 152 -6.41 -9.59 -15.74
CA SER B 152 -6.39 -9.77 -14.30
C SER B 152 -6.51 -11.26 -13.96
N PRO B 153 -6.11 -11.66 -12.75
CA PRO B 153 -6.50 -12.98 -12.26
C PRO B 153 -8.01 -13.09 -12.17
N LEU B 154 -8.49 -14.32 -12.04
CA LEU B 154 -9.88 -14.52 -11.67
C LEU B 154 -10.03 -14.17 -10.19
N TYR B 155 -10.83 -13.14 -9.92
CA TYR B 155 -10.99 -12.67 -8.55
C TYR B 155 -12.17 -13.39 -7.91
N PRO B 156 -11.96 -14.15 -6.84
CA PRO B 156 -13.10 -14.84 -6.20
C PRO B 156 -13.95 -13.87 -5.39
N ARG B 157 -15.18 -14.31 -5.13
CA ARG B 157 -16.05 -13.52 -4.29
C ARG B 157 -15.63 -13.64 -2.83
N ILE B 158 -15.86 -12.58 -2.07
CA ILE B 158 -15.68 -12.65 -0.63
C ILE B 158 -16.94 -13.25 -0.04
N ALA B 159 -16.76 -14.21 0.88
CA ALA B 159 -17.90 -14.90 1.48
C ALA B 159 -18.84 -13.89 2.16
N ASP B 160 -20.13 -14.20 2.13
CA ASP B 160 -21.10 -13.38 2.85
C ASP B 160 -20.82 -13.44 4.34
N GLY B 161 -20.99 -12.31 5.01
CA GLY B 161 -20.68 -12.24 6.43
C GLY B 161 -19.20 -12.11 6.73
N THR B 162 -18.36 -12.48 5.78
CA THR B 162 -16.91 -12.33 5.93
C THR B 162 -16.51 -10.89 5.68
N HIS B 163 -15.68 -10.35 6.57
CA HIS B 163 -15.20 -8.97 6.49
C HIS B 163 -13.70 -8.99 6.18
N LYS B 164 -13.35 -8.88 4.91
CA LYS B 164 -11.97 -8.70 4.49
C LYS B 164 -11.92 -7.51 3.54
N SER B 165 -10.72 -6.96 3.36
CA SER B 165 -10.62 -5.83 2.44
C SER B 165 -10.62 -6.29 0.99
N GLY B 166 -10.04 -7.45 0.71
CA GLY B 166 -9.84 -7.86 -0.67
C GLY B 166 -8.84 -7.01 -1.42
N GLU B 167 -7.97 -6.30 -0.70
CA GLU B 167 -7.07 -5.33 -1.30
C GLU B 167 -5.71 -5.97 -1.61
N SER B 168 -5.06 -5.48 -2.69
CA SER B 168 -3.74 -5.97 -3.07
C SER B 168 -2.66 -5.07 -2.51
N PRO B 169 -1.40 -5.54 -2.45
CA PRO B 169 -0.31 -4.65 -2.05
C PRO B 169 -0.15 -3.47 -2.98
N THR B 170 -0.68 -3.52 -4.20
CA THR B 170 -0.61 -2.37 -5.10
C THR B 170 -1.80 -1.44 -5.00
N HIS B 171 -2.71 -1.67 -4.04
CA HIS B 171 -3.88 -0.81 -3.82
C HIS B 171 -4.80 -0.78 -5.04
N PHE B 172 -4.74 -1.82 -5.86
CA PHE B 172 -5.50 -1.85 -7.12
C PHE B 172 -7.01 -1.78 -6.90
N LYS B 173 -7.53 -2.46 -5.87
CA LYS B 173 -8.98 -2.48 -5.70
C LYS B 173 -9.51 -1.09 -5.38
N ALA B 174 -8.92 -0.43 -4.37
CA ALA B 174 -9.31 0.94 -4.07
C ALA B 174 -9.09 1.88 -5.26
N ASP B 175 -7.99 1.70 -6.00
CA ASP B 175 -7.70 2.63 -7.08
C ASP B 175 -8.67 2.45 -8.25
N LEU B 176 -9.07 1.21 -8.52
CA LEU B 176 -10.07 0.96 -9.56
C LEU B 176 -11.40 1.56 -9.16
N ILE B 177 -11.80 1.38 -7.90
CA ILE B 177 -13.06 1.96 -7.45
C ILE B 177 -13.00 3.47 -7.55
N SER B 178 -11.87 4.07 -7.15
N SER B 178 -11.87 4.06 -7.14
CA SER B 178 -11.71 5.52 -7.25
CA SER B 178 -11.70 5.51 -7.24
C SER B 178 -11.83 5.98 -8.70
C SER B 178 -11.83 5.98 -8.69
N TYR B 179 -11.26 5.23 -9.63
CA TYR B 179 -11.37 5.59 -11.04
C TYR B 179 -12.83 5.60 -11.48
N LEU B 180 -13.57 4.55 -11.11
CA LEU B 180 -14.98 4.48 -11.50
C LEU B 180 -15.83 5.49 -10.75
N MET B 181 -15.46 5.85 -9.52
N MET B 181 -15.45 5.84 -9.52
CA MET B 181 -16.23 6.85 -8.79
CA MET B 181 -16.23 6.85 -8.78
C MET B 181 -16.19 8.19 -9.51
C MET B 181 -16.18 8.20 -9.48
N ALA B 182 -15.08 8.50 -10.16
CA ALA B 182 -14.93 9.78 -10.85
C ALA B 182 -15.96 9.99 -11.96
N TYR B 183 -16.56 8.91 -12.48
CA TYR B 183 -17.58 9.07 -13.51
C TYR B 183 -18.87 9.64 -12.93
N ASN B 184 -19.13 9.41 -11.65
N ASN B 184 -19.13 9.41 -11.65
CA ASN B 184 -20.37 9.85 -11.02
CA ASN B 184 -20.38 9.83 -11.01
C ASN B 184 -21.59 9.32 -11.79
C ASN B 184 -21.58 9.33 -11.78
N ALA B 185 -21.56 8.04 -12.12
CA ALA B 185 -22.55 7.44 -12.98
C ALA B 185 -23.30 6.34 -12.24
N PRO B 186 -24.63 6.32 -12.30
CA PRO B 186 -25.37 5.28 -11.57
C PRO B 186 -25.08 3.89 -12.08
N SER B 187 -24.87 3.71 -13.38
CA SER B 187 -24.61 2.36 -13.87
C SER B 187 -23.26 1.85 -13.42
N LEU B 188 -22.32 2.76 -13.17
CA LEU B 188 -21.00 2.34 -12.68
C LEU B 188 -20.99 2.15 -11.17
N LYS B 189 -21.85 2.86 -10.42
CA LYS B 189 -21.94 2.57 -9.00
C LYS B 189 -22.33 1.11 -8.77
N GLU B 190 -23.12 0.54 -9.68
CA GLU B 190 -23.44 -0.88 -9.58
C GLU B 190 -22.21 -1.76 -9.76
N TRP B 191 -21.31 -1.39 -10.68
CA TRP B 191 -20.09 -2.19 -10.85
C TRP B 191 -19.12 -1.97 -9.69
N ILE B 192 -19.10 -0.77 -9.11
CA ILE B 192 -18.33 -0.53 -7.90
C ILE B 192 -18.75 -1.48 -6.80
N ASP B 193 -20.06 -1.66 -6.63
CA ASP B 193 -20.54 -2.58 -5.61
C ASP B 193 -20.17 -4.02 -5.93
N VAL B 194 -20.11 -4.37 -7.22
CA VAL B 194 -19.60 -5.67 -7.61
C VAL B 194 -18.15 -5.83 -7.17
N ILE B 195 -17.32 -4.83 -7.46
CA ILE B 195 -15.91 -4.94 -7.13
C ILE B 195 -15.71 -5.05 -5.62
N HIS B 196 -16.48 -4.27 -4.84
CA HIS B 196 -16.40 -4.37 -3.39
C HIS B 196 -16.55 -5.80 -2.91
N LYS B 197 -17.42 -6.58 -3.56
CA LYS B 197 -17.71 -7.94 -3.12
C LYS B 197 -16.65 -8.96 -3.54
N HIS B 198 -15.62 -8.58 -4.28
CA HIS B 198 -14.62 -9.53 -4.72
C HIS B 198 -13.24 -9.28 -4.09
N ASP B 199 -12.44 -10.35 -4.05
CA ASP B 199 -11.08 -10.36 -3.49
C ASP B 199 -10.08 -10.12 -4.63
N LEU B 200 -9.55 -8.90 -4.70
CA LEU B 200 -8.57 -8.51 -5.72
C LEU B 200 -7.13 -8.55 -5.20
N SER B 201 -6.90 -9.26 -4.10
CA SER B 201 -5.61 -9.16 -3.40
C SER B 201 -4.45 -9.74 -4.20
N GLU B 202 -4.71 -10.63 -5.17
CA GLU B 202 -3.63 -11.19 -5.96
C GLU B 202 -3.08 -10.23 -7.02
N THR B 203 -3.62 -9.02 -7.15
CA THR B 203 -3.20 -8.11 -8.22
C THR B 203 -1.81 -7.56 -7.94
N ASN B 204 -0.93 -7.63 -8.94
N ASN B 204 -0.92 -7.65 -8.94
CA ASN B 204 0.45 -7.21 -8.80
CA ASN B 204 0.44 -7.17 -8.77
C ASN B 204 0.79 -5.98 -9.65
C ASN B 204 0.80 -6.08 -9.78
N VAL B 205 -0.19 -5.35 -10.30
CA VAL B 205 0.06 -4.15 -11.09
C VAL B 205 -0.56 -2.95 -10.38
N TYR B 206 -0.02 -1.78 -10.70
CA TYR B 206 -0.57 -0.51 -10.23
C TYR B 206 -1.44 0.10 -11.32
N LEU B 207 -2.61 0.59 -10.91
CA LEU B 207 -3.51 1.26 -11.84
C LEU B 207 -3.06 2.70 -12.03
N ILE B 208 -3.00 3.16 -13.29
CA ILE B 208 -2.68 4.55 -13.57
C ILE B 208 -3.80 5.09 -14.46
N GLY B 209 -4.70 5.89 -13.88
CA GLY B 209 -5.77 6.46 -14.67
C GLY B 209 -5.65 7.94 -14.89
N SER B 210 -6.37 8.43 -15.90
CA SER B 210 -6.62 9.85 -16.10
C SER B 210 -8.13 10.03 -16.09
N THR B 211 -8.60 11.14 -15.54
N THR B 211 -8.60 11.12 -15.50
CA THR B 211 -10.00 11.52 -15.54
CA THR B 211 -10.01 11.52 -15.55
C THR B 211 -10.07 13.04 -15.71
C THR B 211 -10.06 13.03 -15.74
N PRO B 212 -11.11 13.55 -16.36
CA PRO B 212 -11.14 14.99 -16.64
C PRO B 212 -11.29 15.81 -15.37
N GLY B 213 -10.56 16.91 -15.31
CA GLY B 213 -10.74 17.83 -14.20
C GLY B 213 -9.53 18.72 -14.02
N ARG B 214 -9.58 19.49 -12.93
N ARG B 214 -9.59 19.50 -12.94
CA ARG B 214 -8.50 20.37 -12.53
CA ARG B 214 -8.49 20.37 -12.52
C ARG B 214 -8.19 20.05 -11.07
C ARG B 214 -8.19 20.04 -11.07
N PHE B 215 -7.07 19.37 -10.84
CA PHE B 215 -6.77 18.79 -9.53
C PHE B 215 -5.66 19.57 -8.84
N GLN B 216 -5.83 19.79 -7.54
CA GLN B 216 -4.87 20.53 -6.74
C GLN B 216 -4.72 19.87 -5.38
N GLY B 217 -3.62 20.20 -4.71
CA GLY B 217 -3.40 19.71 -3.36
C GLY B 217 -3.23 18.20 -3.35
N SER B 218 -3.99 17.53 -2.49
CA SER B 218 -3.91 16.09 -2.40
C SER B 218 -4.28 15.44 -3.73
N GLN B 219 -5.43 15.83 -4.30
CA GLN B 219 -5.97 15.17 -5.48
C GLN B 219 -5.03 15.24 -6.68
N LYS B 220 -4.04 16.14 -6.67
CA LYS B 220 -3.19 16.30 -7.84
C LYS B 220 -2.36 15.05 -8.14
N ASP B 221 -2.08 14.23 -7.12
CA ASP B 221 -1.31 13.00 -7.29
C ASP B 221 -2.15 11.83 -7.79
N ASN B 222 -3.46 12.03 -7.99
CA ASN B 222 -4.35 10.92 -8.23
C ASN B 222 -4.32 10.41 -9.67
N TRP B 223 -3.93 11.24 -10.62
CA TRP B 223 -4.17 10.97 -12.03
C TRP B 223 -2.99 11.41 -12.89
N GLY B 224 -2.97 10.90 -14.12
CA GLY B 224 -2.05 11.41 -15.11
C GLY B 224 -0.60 11.21 -14.74
N HIS B 225 0.24 12.14 -15.20
CA HIS B 225 1.66 11.95 -15.02
C HIS B 225 2.09 12.22 -13.58
N PHE B 226 1.26 12.89 -12.78
CA PHE B 226 1.57 13.00 -11.36
C PHE B 226 1.32 11.68 -10.63
N ARG B 227 0.29 10.93 -11.05
CA ARG B 227 0.07 9.59 -10.51
C ARG B 227 1.27 8.69 -10.79
N LEU B 228 1.76 8.70 -12.03
CA LEU B 228 2.96 7.96 -12.36
C LEU B 228 4.14 8.38 -11.49
N LYS B 229 4.35 9.70 -11.36
CA LYS B 229 5.47 10.18 -10.58
C LYS B 229 5.40 9.68 -9.14
N LYS B 230 4.21 9.72 -8.55
CA LYS B 230 4.12 9.32 -7.14
C LYS B 230 4.37 7.82 -6.97
N LEU B 231 3.92 7.00 -7.91
CA LEU B 231 4.19 5.56 -7.81
C LEU B 231 5.67 5.27 -7.98
N LEU B 232 6.34 5.99 -8.89
CA LEU B 232 7.77 5.78 -9.09
C LEU B 232 8.56 6.22 -7.87
N LYS B 233 8.15 7.32 -7.24
CA LYS B 233 8.83 7.78 -6.03
C LYS B 233 8.64 6.80 -4.88
N ASP B 234 7.42 6.28 -4.70
CA ASP B 234 7.12 5.46 -3.54
C ASP B 234 7.46 3.98 -3.72
N HIS B 235 7.57 3.48 -4.94
CA HIS B 235 7.72 2.04 -5.14
C HIS B 235 8.83 1.64 -6.09
N ALA B 236 9.62 2.58 -6.58
CA ALA B 236 10.82 2.26 -7.33
C ALA B 236 12.02 2.81 -6.58
N SER B 237 13.18 2.19 -6.80
CA SER B 237 14.43 2.68 -6.22
C SER B 237 15.34 3.19 -7.32
N SER B 238 16.10 4.24 -7.00
CA SER B 238 17.07 4.78 -7.94
C SER B 238 18.35 3.97 -7.88
N MET B 239 18.96 3.76 -9.04
CA MET B 239 20.18 3.01 -9.18
C MET B 239 21.35 3.96 -9.45
N PRO B 240 22.59 3.48 -9.31
CA PRO B 240 23.72 4.31 -9.73
C PRO B 240 23.67 4.53 -11.24
N ASN B 241 24.11 5.71 -11.67
CA ASN B 241 24.14 6.04 -13.09
C ASN B 241 22.73 6.13 -13.67
N ALA B 242 21.76 6.55 -12.85
CA ALA B 242 20.36 6.61 -13.30
C ALA B 242 20.17 7.55 -14.48
N GLU B 243 20.95 8.64 -14.53
CA GLU B 243 20.90 9.57 -15.65
C GLU B 243 21.14 8.88 -17.00
N SER B 244 21.65 7.65 -16.99
CA SER B 244 21.98 6.93 -18.20
C SER B 244 20.91 5.94 -18.63
N TRP B 245 19.91 5.69 -17.77
CA TRP B 245 18.78 4.85 -18.12
C TRP B 245 17.80 5.68 -18.94
N PRO B 246 17.62 5.38 -20.23
CA PRO B 246 16.71 6.16 -21.06
C PRO B 246 15.27 6.02 -20.61
N VAL B 247 14.44 6.91 -21.13
CA VAL B 247 12.98 6.80 -21.08
C VAL B 247 12.52 6.54 -22.50
N VAL B 248 11.65 5.55 -22.66
CA VAL B 248 11.08 5.21 -23.97
C VAL B 248 9.58 5.44 -23.91
N GLY B 249 9.04 6.17 -24.88
CA GLY B 249 7.61 6.35 -25.02
C GLY B 249 7.20 5.92 -26.41
N GLN B 250 6.07 5.24 -26.51
CA GLN B 250 5.65 4.60 -27.76
C GLN B 250 4.14 4.76 -27.87
N PHE B 251 3.66 5.34 -28.98
CA PHE B 251 2.27 5.80 -28.98
C PHE B 251 1.73 5.81 -30.39
N SER B 252 0.43 6.06 -30.53
CA SER B 252 -0.19 6.07 -31.84
C SER B 252 -0.72 7.43 -32.25
N SER B 253 -0.51 8.47 -31.43
CA SER B 253 -0.95 9.81 -31.77
C SER B 253 -0.22 10.80 -30.89
N VAL B 254 -0.15 12.04 -31.36
CA VAL B 254 0.59 13.11 -30.70
C VAL B 254 -0.28 14.35 -30.66
N GLY B 255 -0.36 14.99 -29.49
CA GLY B 255 -1.05 16.25 -29.36
C GLY B 255 -0.11 17.42 -29.56
N SER B 256 -0.65 18.62 -29.38
CA SER B 256 0.14 19.84 -29.45
C SER B 256 0.90 20.00 -28.14
N LEU B 257 2.23 19.91 -28.21
CA LEU B 257 3.08 19.92 -27.02
C LEU B 257 3.67 21.29 -26.71
N GLY B 258 3.57 22.25 -27.63
CA GLY B 258 4.07 23.59 -27.41
C GLY B 258 5.16 23.96 -28.40
N ALA B 259 5.66 25.20 -28.25
CA ALA B 259 6.60 25.78 -29.20
C ALA B 259 8.00 25.18 -29.10
N ASP B 260 8.36 24.58 -27.97
CA ASP B 260 9.62 23.86 -27.85
C ASP B 260 9.47 22.84 -26.74
N GLU B 261 10.52 22.03 -26.56
CA GLU B 261 10.46 20.90 -25.63
C GLU B 261 10.33 21.34 -24.18
N SER B 262 10.74 22.56 -23.85
CA SER B 262 10.72 23.03 -22.47
C SER B 262 9.33 23.45 -22.00
N LYS B 263 8.34 23.52 -22.89
CA LYS B 263 7.03 23.99 -22.48
C LYS B 263 6.20 22.92 -21.80
N TRP B 264 6.52 21.64 -22.01
CA TRP B 264 5.80 20.56 -21.37
C TRP B 264 6.52 19.22 -21.46
N LEU B 265 7.07 18.92 -22.64
CA LEU B 265 7.62 17.59 -22.87
C LEU B 265 8.79 17.29 -21.95
N CYS B 266 9.87 18.06 -22.08
CA CYS B 266 11.08 17.85 -21.31
C CYS B 266 11.08 18.60 -19.98
N SER B 267 10.04 19.37 -19.70
CA SER B 267 9.95 20.05 -18.38
C SER B 267 9.13 19.17 -17.44
N GLU B 268 7.82 19.12 -17.62
CA GLU B 268 6.99 18.42 -16.65
C GLU B 268 6.72 16.97 -17.00
N PHE B 269 6.62 16.61 -18.29
CA PHE B 269 6.35 15.22 -18.64
C PHE B 269 7.56 14.33 -18.37
N LYS B 270 8.71 14.67 -18.96
CA LYS B 270 9.90 13.84 -18.76
C LYS B 270 10.32 13.82 -17.29
N GLU B 271 10.08 14.90 -16.55
CA GLU B 271 10.42 14.93 -15.14
C GLU B 271 9.69 13.83 -14.37
N SER B 272 8.38 13.69 -14.59
CA SER B 272 7.65 12.61 -13.94
C SER B 272 8.17 11.25 -14.38
N MET B 273 8.46 11.09 -15.68
CA MET B 273 8.95 9.81 -16.18
C MET B 273 10.33 9.47 -15.65
N LEU B 274 11.13 10.49 -15.30
CA LEU B 274 12.49 10.28 -14.81
C LEU B 274 12.52 9.81 -13.37
N THR B 275 11.43 9.99 -12.65
CA THR B 275 11.44 9.82 -11.20
C THR B 275 11.75 8.38 -10.81
N LEU B 276 12.61 8.23 -9.80
CA LEU B 276 12.93 6.94 -9.20
C LEU B 276 13.32 7.20 -7.75
N GLY B 277 12.60 6.61 -6.80
CA GLY B 277 12.95 6.75 -5.40
C GLY B 277 12.50 8.07 -4.79
N LYS B 278 12.86 8.28 -3.52
CA LYS B 278 12.33 9.40 -2.75
C LYS B 278 13.35 10.52 -2.51
N GLU B 279 14.38 10.61 -3.33
CA GLU B 279 15.38 11.68 -3.25
C GLU B 279 14.97 12.90 -4.05
N SER B 280 15.94 13.70 -4.50
CA SER B 280 15.65 14.89 -5.28
C SER B 280 16.58 15.03 -6.48
N SER B 287 19.41 15.35 -18.82
CA SER B 287 20.51 14.61 -19.44
C SER B 287 20.07 13.22 -19.87
N VAL B 288 18.93 12.78 -19.36
CA VAL B 288 18.43 11.44 -19.65
C VAL B 288 17.96 11.37 -21.10
N PRO B 289 18.39 10.39 -21.88
CA PRO B 289 17.92 10.29 -23.27
C PRO B 289 16.45 9.90 -23.32
N LEU B 290 15.72 10.55 -24.23
CA LEU B 290 14.30 10.29 -24.41
C LEU B 290 14.09 9.78 -25.84
N TYR B 291 13.60 8.54 -25.96
CA TYR B 291 13.31 7.91 -27.24
C TYR B 291 11.80 7.85 -27.42
N LEU B 292 11.29 8.43 -28.51
CA LEU B 292 9.87 8.36 -28.82
C LEU B 292 9.70 7.49 -30.07
N ILE B 293 8.86 6.47 -29.96
CA ILE B 293 8.64 5.53 -31.06
C ILE B 293 7.29 5.86 -31.70
N TYR B 294 7.31 6.16 -33.00
CA TYR B 294 6.10 6.56 -33.69
C TYR B 294 6.29 6.21 -35.17
N PRO B 295 5.32 5.56 -35.81
CA PRO B 295 5.54 5.07 -37.18
C PRO B 295 5.89 6.17 -38.17
N SER B 296 6.95 5.94 -38.95
CA SER B 296 7.24 6.77 -40.11
C SER B 296 6.21 6.52 -41.22
N VAL B 297 6.20 7.43 -42.19
CA VAL B 297 5.41 7.20 -43.41
C VAL B 297 5.77 5.86 -44.05
N GLU B 298 7.06 5.55 -44.13
N GLU B 298 7.06 5.54 -44.14
CA GLU B 298 7.48 4.29 -44.73
CA GLU B 298 7.47 4.29 -44.75
C GLU B 298 6.97 3.11 -43.93
C GLU B 298 7.02 3.08 -43.94
N ASN B 299 7.02 3.19 -42.59
CA ASN B 299 6.46 2.13 -41.77
C ASN B 299 5.01 1.84 -42.16
N VAL B 300 4.22 2.90 -42.33
CA VAL B 300 2.81 2.75 -42.65
C VAL B 300 2.63 2.24 -44.08
N ARG B 301 3.38 2.82 -45.02
CA ARG B 301 3.24 2.46 -46.44
C ARG B 301 3.43 0.97 -46.67
N THR B 302 4.44 0.36 -46.02
CA THR B 302 4.71 -1.05 -46.23
C THR B 302 4.09 -1.95 -45.15
N SER B 303 3.12 -1.44 -44.39
CA SER B 303 2.51 -2.25 -43.35
C SER B 303 1.54 -3.25 -43.96
N LEU B 304 1.06 -4.18 -43.11
CA LEU B 304 0.10 -5.18 -43.56
C LEU B 304 -1.15 -4.52 -44.15
N GLU B 305 -1.58 -3.41 -43.57
CA GLU B 305 -2.78 -2.71 -44.03
C GLU B 305 -2.49 -1.72 -45.14
N GLY B 306 -1.25 -1.24 -45.25
CA GLY B 306 -0.94 -0.14 -46.11
C GLY B 306 -1.31 1.19 -45.46
N TYR B 307 -1.51 2.17 -46.33
CA TYR B 307 -1.85 3.51 -45.85
C TYR B 307 -3.08 3.50 -44.94
N PRO B 308 -4.09 2.63 -45.14
CA PRO B 308 -5.25 2.67 -44.24
C PRO B 308 -4.91 2.43 -42.77
N ALA B 309 -3.76 1.82 -42.45
CA ALA B 309 -3.35 1.74 -41.06
C ALA B 309 -3.20 3.13 -40.46
N GLY B 310 -2.82 4.11 -41.28
CA GLY B 310 -2.70 5.49 -40.87
C GLY B 310 -4.01 6.15 -40.46
N GLY B 311 -5.15 5.55 -40.80
CA GLY B 311 -6.40 6.05 -40.27
C GLY B 311 -6.49 5.95 -38.75
N SER B 312 -5.67 5.10 -38.14
CA SER B 312 -5.63 4.95 -36.68
C SER B 312 -4.33 5.50 -36.09
N LEU B 313 -3.63 6.36 -36.82
CA LEU B 313 -2.46 7.09 -36.32
C LEU B 313 -2.74 8.58 -36.51
N PRO B 314 -3.62 9.17 -35.67
CA PRO B 314 -4.17 10.51 -36.02
C PRO B 314 -3.31 11.69 -35.57
N TYR B 315 -2.17 11.84 -36.23
CA TYR B 315 -1.32 13.01 -36.10
C TYR B 315 -1.64 13.96 -37.25
N SER B 316 -2.16 15.14 -36.93
CA SER B 316 -2.63 16.07 -37.95
C SER B 316 -1.52 17.01 -38.38
N ILE B 317 -1.58 17.44 -39.65
CA ILE B 317 -0.57 18.36 -40.16
C ILE B 317 -0.62 19.68 -39.42
N GLN B 318 -1.80 20.08 -38.98
CA GLN B 318 -1.94 21.31 -38.20
C GLN B 318 -1.08 21.26 -36.94
N THR B 319 -1.21 20.17 -36.17
CA THR B 319 -0.38 20.01 -34.98
C THR B 319 1.09 19.88 -35.35
N ALA B 320 1.41 19.02 -36.33
CA ALA B 320 2.80 18.69 -36.60
C ALA B 320 3.62 19.91 -37.00
N GLU B 321 3.04 20.82 -37.78
CA GLU B 321 3.82 21.94 -38.30
C GLU B 321 4.14 22.97 -37.21
N LYS B 322 3.39 22.96 -36.10
CA LYS B 322 3.67 23.82 -34.96
C LYS B 322 4.84 23.33 -34.12
N GLN B 323 5.34 22.13 -34.36
CA GLN B 323 6.27 21.50 -33.43
C GLN B 323 7.24 20.56 -34.16
N ASN B 324 7.85 21.04 -35.23
CA ASN B 324 8.81 20.18 -35.91
C ASN B 324 10.04 19.87 -35.04
N TRP B 325 10.29 20.65 -33.98
CA TRP B 325 11.35 20.29 -33.05
C TRP B 325 11.17 18.88 -32.50
N LEU B 326 9.91 18.41 -32.40
CA LEU B 326 9.63 17.13 -31.76
C LEU B 326 10.15 15.95 -32.55
N HIS B 327 10.19 16.07 -33.88
CA HIS B 327 10.43 14.89 -34.70
C HIS B 327 11.88 14.42 -34.66
N SER B 328 12.81 15.24 -34.16
N SER B 328 12.81 15.23 -34.16
CA SER B 328 14.17 14.78 -33.95
CA SER B 328 14.17 14.76 -33.96
C SER B 328 14.27 13.72 -32.85
C SER B 328 14.25 13.70 -32.87
N TYR B 329 13.21 13.56 -32.06
CA TYR B 329 13.14 12.53 -31.03
C TYR B 329 12.56 11.22 -31.54
N PHE B 330 12.10 11.17 -32.79
CA PHE B 330 11.27 10.07 -33.26
C PHE B 330 12.11 8.91 -33.77
N HIS B 331 11.65 7.71 -33.45
CA HIS B 331 12.28 6.45 -33.83
C HIS B 331 11.25 5.57 -34.51
N LYS B 332 11.72 4.72 -35.42
CA LYS B 332 10.83 3.90 -36.23
C LYS B 332 10.15 2.84 -35.40
N TRP B 333 9.03 2.35 -35.90
CA TRP B 333 8.41 1.16 -35.35
C TRP B 333 9.10 -0.07 -35.91
N SER B 334 9.59 -0.91 -35.02
CA SER B 334 10.20 -2.17 -35.42
C SER B 334 9.87 -3.18 -34.33
N ALA B 335 9.43 -4.36 -34.73
CA ALA B 335 8.96 -5.36 -33.78
C ALA B 335 9.30 -6.76 -34.28
N GLU B 336 10.53 -6.94 -34.76
CA GLU B 336 10.98 -8.27 -35.16
C GLU B 336 10.81 -9.28 -34.04
N THR B 337 11.04 -8.84 -32.79
CA THR B 337 10.94 -9.74 -31.65
C THR B 337 9.58 -10.43 -31.58
N SER B 338 8.50 -9.76 -31.99
CA SER B 338 7.17 -10.35 -31.96
C SER B 338 6.60 -10.55 -33.36
N GLY B 339 7.43 -10.46 -34.39
CA GLY B 339 6.96 -10.64 -35.76
C GLY B 339 5.97 -9.60 -36.22
N ARG B 340 6.02 -8.39 -35.66
CA ARG B 340 4.97 -7.40 -35.85
C ARG B 340 5.50 -6.08 -36.44
N SER B 341 6.66 -6.08 -37.11
CA SER B 341 7.15 -4.84 -37.70
C SER B 341 6.17 -4.26 -38.71
N ASN B 342 5.35 -5.09 -39.34
CA ASN B 342 4.37 -4.61 -40.31
C ASN B 342 2.96 -4.50 -39.74
N ALA B 343 2.78 -4.76 -38.44
CA ALA B 343 1.49 -4.57 -37.77
C ALA B 343 1.56 -3.26 -37.00
N MET B 344 0.95 -2.22 -37.56
CA MET B 344 1.15 -0.89 -37.02
C MET B 344 0.65 -0.80 -35.57
N PRO B 345 1.33 -0.05 -34.71
CA PRO B 345 0.96 -0.04 -33.29
C PRO B 345 -0.26 0.83 -33.02
N HIS B 346 -1.20 0.27 -32.27
CA HIS B 346 -2.21 1.03 -31.57
C HIS B 346 -2.04 0.86 -30.07
N ILE B 347 -1.18 -0.07 -29.63
CA ILE B 347 -0.72 -0.08 -28.26
C ILE B 347 0.00 1.23 -27.92
N LYS B 348 -0.04 1.61 -26.63
CA LYS B 348 0.81 2.67 -26.10
C LYS B 348 1.58 2.12 -24.92
N THR B 349 2.89 2.37 -24.90
CA THR B 349 3.73 1.86 -23.82
C THR B 349 4.76 2.91 -23.45
N TYR B 350 5.20 2.85 -22.19
CA TYR B 350 6.25 3.73 -21.70
C TYR B 350 7.10 2.89 -20.78
N MET B 351 8.42 3.08 -20.81
CA MET B 351 9.27 2.22 -20.01
C MET B 351 10.62 2.87 -19.77
N ARG B 352 11.39 2.28 -18.86
CA ARG B 352 12.65 2.83 -18.40
C ARG B 352 13.73 1.78 -18.54
N PRO B 353 14.30 1.62 -19.74
CA PRO B 353 15.35 0.61 -19.93
C PRO B 353 16.70 1.04 -19.36
N SER B 354 17.55 0.04 -19.18
CA SER B 354 18.94 0.26 -18.78
C SER B 354 19.72 0.81 -19.97
N PRO B 355 20.94 1.31 -19.75
CA PRO B 355 21.67 1.91 -20.88
C PRO B 355 21.96 0.95 -22.03
N ASP B 356 22.02 -0.36 -21.79
CA ASP B 356 22.21 -1.35 -22.86
C ASP B 356 20.93 -2.09 -23.19
N PHE B 357 19.77 -1.62 -22.70
CA PHE B 357 18.44 -2.14 -23.02
C PHE B 357 18.26 -3.63 -22.65
N SER B 358 19.09 -4.15 -21.74
CA SER B 358 18.95 -5.53 -21.29
C SER B 358 18.01 -5.67 -20.10
N LYS B 359 17.73 -4.57 -19.41
CA LYS B 359 16.86 -4.55 -18.24
C LYS B 359 15.90 -3.38 -18.36
N ILE B 360 14.81 -3.43 -17.59
CA ILE B 360 13.91 -2.29 -17.46
C ILE B 360 13.54 -2.07 -16.00
N ALA B 361 13.48 -0.81 -15.59
CA ALA B 361 13.10 -0.46 -14.23
C ALA B 361 11.58 -0.44 -14.05
N TRP B 362 10.81 -0.30 -15.12
CA TRP B 362 9.36 -0.40 -15.05
C TRP B 362 8.81 -0.38 -16.46
N PHE B 363 7.53 -0.76 -16.57
CA PHE B 363 6.86 -0.87 -17.86
C PHE B 363 5.40 -0.48 -17.65
N LEU B 364 4.89 0.37 -18.53
CA LEU B 364 3.50 0.83 -18.49
C LEU B 364 2.85 0.55 -19.83
N VAL B 365 1.68 -0.09 -19.81
CA VAL B 365 0.82 -0.19 -20.99
C VAL B 365 -0.45 0.60 -20.71
N THR B 366 -0.89 1.40 -21.67
CA THR B 366 -1.94 2.35 -21.38
C THR B 366 -2.66 2.71 -22.66
N SER B 367 -3.79 3.42 -22.50
CA SER B 367 -4.45 4.09 -23.60
C SER B 367 -3.90 5.48 -23.88
N ALA B 368 -3.05 6.02 -23.01
CA ALA B 368 -2.63 7.42 -23.11
C ALA B 368 -1.58 7.64 -24.20
N ASN B 369 -1.92 8.48 -25.19
CA ASN B 369 -0.97 8.92 -26.19
C ASN B 369 -0.09 10.03 -25.65
N LEU B 370 0.76 10.57 -26.50
CA LEU B 370 1.67 11.65 -26.11
C LEU B 370 0.93 12.98 -26.25
N SER B 371 0.15 13.30 -25.23
CA SER B 371 -0.66 14.51 -25.26
C SER B 371 -0.87 15.02 -23.84
N LYS B 372 -0.90 16.35 -23.72
CA LYS B 372 -1.30 16.98 -22.46
C LYS B 372 -2.72 16.60 -22.07
N ALA B 373 -3.60 16.37 -23.05
CA ALA B 373 -4.98 16.02 -22.75
C ALA B 373 -5.06 14.70 -21.99
N ALA B 374 -4.17 13.76 -22.29
CA ALA B 374 -4.17 12.44 -21.67
C ALA B 374 -3.40 12.41 -20.36
N TRP B 375 -2.25 13.07 -20.32
CA TRP B 375 -1.34 12.99 -19.19
C TRP B 375 -1.50 14.14 -18.20
N GLY B 376 -2.07 15.25 -18.63
CA GLY B 376 -2.24 16.39 -17.77
C GLY B 376 -1.22 17.48 -18.02
N ALA B 377 -1.63 18.73 -17.80
CA ALA B 377 -0.76 19.89 -17.92
C ALA B 377 -0.97 20.79 -16.71
N LEU B 378 0.13 21.26 -16.12
CA LEU B 378 0.06 22.14 -14.96
C LEU B 378 -0.49 23.50 -15.36
N GLU B 379 -1.36 24.05 -14.50
CA GLU B 379 -1.92 25.38 -14.68
C GLU B 379 -1.78 26.17 -13.38
N LYS B 380 -1.89 27.49 -13.52
CA LYS B 380 -1.85 28.42 -12.39
C LYS B 380 -0.56 28.27 -11.59
N ASN B 381 0.56 28.48 -12.28
CA ASN B 381 1.90 28.44 -11.69
C ASN B 381 2.11 27.19 -10.85
N GLY B 382 1.69 26.06 -11.40
CA GLY B 382 1.98 24.76 -10.81
C GLY B 382 1.03 24.29 -9.73
N THR B 383 -0.12 24.96 -9.55
CA THR B 383 -1.03 24.59 -8.48
C THR B 383 -2.08 23.56 -8.89
N GLN B 384 -2.46 23.53 -10.17
CA GLN B 384 -3.51 22.63 -10.64
C GLN B 384 -2.98 21.77 -11.78
N LEU B 385 -3.39 20.50 -11.79
CA LEU B 385 -3.18 19.61 -12.92
C LEU B 385 -4.49 19.50 -13.68
N MET B 386 -4.49 19.97 -14.92
CA MET B 386 -5.68 19.90 -15.76
C MET B 386 -5.56 18.71 -16.72
N ILE B 387 -6.56 17.84 -16.70
CA ILE B 387 -6.65 16.67 -17.56
C ILE B 387 -7.96 16.78 -18.34
N ARG B 388 -7.91 16.49 -19.64
CA ARG B 388 -9.12 16.58 -20.46
C ARG B 388 -9.84 15.26 -20.67
N SER B 389 -9.16 14.13 -20.62
CA SER B 389 -9.68 12.86 -21.10
C SER B 389 -9.69 11.78 -20.03
N TYR B 390 -10.48 10.73 -20.28
CA TYR B 390 -10.35 9.48 -19.54
C TYR B 390 -9.28 8.61 -20.21
N GLU B 391 -8.32 8.14 -19.41
CA GLU B 391 -7.30 7.19 -19.85
C GLU B 391 -7.09 6.14 -18.78
N LEU B 392 -6.55 4.98 -19.16
CA LEU B 392 -6.30 3.95 -18.16
C LEU B 392 -5.18 3.03 -18.63
N GLY B 393 -4.29 2.68 -17.69
CA GLY B 393 -3.21 1.76 -17.99
C GLY B 393 -2.75 1.07 -16.73
N VAL B 394 -1.84 0.12 -16.88
CA VAL B 394 -1.33 -0.64 -15.75
C VAL B 394 0.19 -0.58 -15.76
N LEU B 395 0.75 -0.42 -14.57
CA LEU B 395 2.17 -0.21 -14.37
C LEU B 395 2.77 -1.45 -13.72
N PHE B 396 3.81 -2.01 -14.36
CA PHE B 396 4.57 -3.14 -13.85
C PHE B 396 5.83 -2.60 -13.18
N LEU B 397 5.93 -2.78 -11.86
CA LEU B 397 7.10 -2.38 -11.08
C LEU B 397 7.81 -3.61 -10.54
N PRO B 398 9.15 -3.71 -10.68
CA PRO B 398 9.86 -4.89 -10.19
C PRO B 398 9.59 -5.20 -8.73
N SER B 399 9.48 -4.17 -7.89
CA SER B 399 9.26 -4.38 -6.46
C SER B 399 7.96 -5.14 -6.19
N ALA B 400 6.96 -4.97 -7.04
CA ALA B 400 5.70 -5.69 -6.88
C ALA B 400 5.82 -7.17 -7.19
N PHE B 401 6.94 -7.57 -7.78
CA PHE B 401 7.20 -8.95 -8.13
C PHE B 401 8.39 -9.51 -7.35
N GLY B 402 8.87 -8.76 -6.35
CA GLY B 402 10.03 -9.18 -5.59
C GLY B 402 11.34 -9.06 -6.32
N LEU B 403 11.43 -8.20 -7.33
CA LEU B 403 12.62 -8.03 -8.15
C LEU B 403 13.14 -6.61 -8.01
N ASP B 404 14.41 -6.42 -8.40
CA ASP B 404 14.95 -5.08 -8.45
C ASP B 404 14.85 -4.48 -9.84
N SER B 405 14.81 -5.32 -10.87
CA SER B 405 14.54 -4.89 -12.24
C SER B 405 14.00 -6.10 -13.00
N PHE B 406 13.50 -5.82 -14.21
CA PHE B 406 13.06 -6.89 -15.09
C PHE B 406 14.12 -7.11 -16.16
N LYS B 407 14.43 -8.39 -16.41
N LYS B 407 14.39 -8.39 -16.44
CA LYS B 407 15.15 -8.73 -17.63
CA LYS B 407 15.17 -8.74 -17.63
C LYS B 407 14.22 -8.59 -18.83
C LYS B 407 14.27 -8.70 -18.86
N VAL B 408 14.77 -8.11 -19.94
CA VAL B 408 13.98 -7.99 -21.17
C VAL B 408 13.99 -9.32 -21.92
N LYS B 409 12.80 -9.80 -22.29
CA LYS B 409 12.67 -11.06 -23.03
C LYS B 409 13.26 -10.92 -24.42
N GLN B 410 14.19 -11.81 -24.77
CA GLN B 410 14.95 -11.62 -25.99
C GLN B 410 14.08 -11.84 -27.23
N LYS B 411 13.28 -12.90 -27.23
CA LYS B 411 12.25 -13.09 -28.24
C LYS B 411 10.90 -13.18 -27.54
N PHE B 412 9.92 -12.41 -28.03
CA PHE B 412 8.67 -12.19 -27.30
C PHE B 412 7.92 -13.50 -27.04
N PHE B 413 7.95 -14.43 -27.99
CA PHE B 413 7.21 -15.68 -27.88
C PHE B 413 8.10 -16.87 -27.55
N ALA B 414 9.36 -16.63 -27.19
CA ALA B 414 10.28 -17.71 -26.83
C ALA B 414 10.02 -18.16 -25.39
N GLY B 415 10.85 -19.07 -24.90
CA GLY B 415 10.72 -19.57 -23.54
C GLY B 415 11.73 -18.99 -22.58
N PRO B 419 14.44 -17.99 -17.11
CA PRO B 419 13.33 -17.88 -16.15
C PRO B 419 12.16 -17.07 -16.72
N MET B 420 11.08 -16.97 -15.94
CA MET B 420 9.94 -16.13 -16.26
C MET B 420 9.97 -14.80 -15.51
N ALA B 421 11.11 -14.45 -14.91
CA ALA B 421 11.33 -13.12 -14.34
C ALA B 421 11.69 -12.12 -15.43
N THR B 422 11.18 -12.39 -16.63
CA THR B 422 11.64 -11.76 -17.86
C THR B 422 10.45 -11.10 -18.54
N PHE B 423 10.54 -9.79 -18.77
CA PHE B 423 9.34 -9.09 -19.21
C PHE B 423 9.25 -9.08 -20.73
N PRO B 424 8.10 -9.46 -21.30
CA PRO B 424 7.90 -9.51 -22.76
C PRO B 424 7.68 -8.13 -23.39
N VAL B 425 8.76 -7.43 -23.64
CA VAL B 425 8.67 -6.16 -24.39
C VAL B 425 8.30 -6.46 -25.85
N PRO B 426 7.25 -5.84 -26.39
CA PRO B 426 6.74 -6.29 -27.70
C PRO B 426 7.44 -5.71 -28.93
N TYR B 427 8.34 -4.74 -28.80
CA TYR B 427 9.05 -4.18 -29.94
C TYR B 427 10.54 -4.23 -29.67
N ASP B 428 11.31 -3.87 -30.70
CA ASP B 428 12.77 -4.06 -30.71
C ASP B 428 13.49 -2.96 -29.96
N LEU B 429 14.55 -3.35 -29.25
CA LEU B 429 15.47 -2.48 -28.54
C LEU B 429 16.89 -2.71 -29.02
N PRO B 430 17.71 -1.65 -29.16
CA PRO B 430 17.29 -0.26 -28.98
C PRO B 430 16.39 0.18 -30.14
N PRO B 431 15.59 1.21 -29.92
CA PRO B 431 14.82 1.79 -31.02
C PRO B 431 15.74 2.45 -32.04
N GLU B 432 15.30 2.45 -33.29
CA GLU B 432 16.11 2.93 -34.39
C GLU B 432 15.61 4.31 -34.82
N LEU B 433 16.53 5.29 -34.82
CA LEU B 433 16.20 6.66 -35.16
C LEU B 433 15.71 6.76 -36.61
N TYR B 434 14.81 7.70 -36.86
CA TYR B 434 14.39 8.01 -38.22
C TYR B 434 15.61 8.32 -39.07
N GLY B 435 15.59 7.89 -40.34
CA GLY B 435 16.59 8.32 -41.30
C GLY B 435 16.33 9.74 -41.79
N SER B 436 17.33 10.31 -42.47
CA SER B 436 17.23 11.70 -42.91
C SER B 436 16.05 11.93 -43.84
N LYS B 437 15.64 10.89 -44.57
CA LYS B 437 14.50 10.98 -45.48
C LYS B 437 13.19 10.57 -44.85
N ASP B 438 13.18 10.08 -43.61
CA ASP B 438 11.94 9.67 -42.97
C ASP B 438 11.16 10.88 -42.46
N ARG B 439 9.84 10.73 -42.39
CA ARG B 439 8.93 11.72 -41.83
C ARG B 439 7.91 11.01 -40.96
N PRO B 440 7.40 11.67 -39.92
CA PRO B 440 6.34 11.06 -39.12
C PRO B 440 5.11 10.86 -39.97
N TRP B 441 4.37 9.78 -39.71
CA TRP B 441 3.07 9.63 -40.33
C TRP B 441 2.16 10.76 -39.90
N ILE B 442 1.60 11.47 -40.88
CA ILE B 442 0.65 12.55 -40.67
C ILE B 442 -0.58 12.15 -41.46
N TRP B 443 -1.72 12.06 -40.78
CA TRP B 443 -2.82 11.30 -41.37
C TRP B 443 -3.64 12.10 -42.36
N ASN B 444 -3.57 13.43 -42.32
CA ASN B 444 -4.48 14.23 -43.13
C ASN B 444 -3.75 15.02 -44.22
N ILE B 445 -2.66 14.48 -44.75
CA ILE B 445 -2.06 14.97 -45.98
C ILE B 445 -1.99 13.80 -46.95
N PRO B 446 -1.87 14.08 -48.24
CA PRO B 446 -1.86 12.98 -49.22
C PRO B 446 -0.48 12.36 -49.40
N TYR B 447 -0.50 11.07 -49.74
CA TYR B 447 0.71 10.33 -50.10
C TYR B 447 0.44 9.70 -51.45
N VAL B 448 0.96 10.33 -52.51
CA VAL B 448 0.65 9.95 -53.88
C VAL B 448 1.88 9.66 -54.71
N LYS B 449 3.07 9.74 -54.13
CA LYS B 449 4.29 9.47 -54.88
C LYS B 449 4.65 7.99 -54.91
N ALA B 450 4.18 7.21 -53.94
CA ALA B 450 4.58 5.82 -53.80
C ALA B 450 3.39 4.97 -53.33
N PRO B 451 3.02 3.93 -54.07
CA PRO B 451 1.91 3.08 -53.66
C PRO B 451 2.26 2.25 -52.42
N ASP B 452 1.23 1.84 -51.70
CA ASP B 452 1.43 1.07 -50.48
C ASP B 452 1.40 -0.43 -50.79
N THR B 453 1.37 -1.24 -49.72
CA THR B 453 1.33 -2.69 -49.80
C THR B 453 0.30 -3.21 -50.79
N HIS B 454 -0.85 -2.53 -50.89
CA HIS B 454 -1.93 -3.01 -51.74
C HIS B 454 -2.05 -2.20 -53.02
N GLY B 455 -0.98 -1.51 -53.40
CA GLY B 455 -0.97 -0.76 -54.65
C GLY B 455 -1.76 0.53 -54.63
N ASN B 456 -2.14 1.04 -53.45
CA ASN B 456 -3.00 2.20 -53.33
C ASN B 456 -2.22 3.42 -52.89
N MET B 457 -2.79 4.59 -53.19
CA MET B 457 -2.32 5.87 -52.68
C MET B 457 -3.22 6.30 -51.52
N TRP B 458 -2.82 7.37 -50.82
CA TRP B 458 -3.56 7.87 -49.67
C TRP B 458 -3.97 9.31 -49.93
N VAL B 459 -5.27 9.55 -50.02
CA VAL B 459 -5.83 10.88 -50.25
C VAL B 459 -6.97 11.11 -49.26
N PRO B 460 -6.74 11.80 -48.13
CA PRO B 460 -7.68 11.94 -47.02
C PRO B 460 -9.00 12.61 -47.40
#